data_4K93
#
_entry.id   4K93
#
_cell.length_a   81.438
_cell.length_b   91.184
_cell.length_c   92.292
_cell.angle_alpha   90.00
_cell.angle_beta   90.00
_cell.angle_gamma   90.00
#
_symmetry.space_group_name_H-M   'P 21 21 21'
#
loop_
_entity.id
_entity.type
_entity.pdbx_description
1 polymer 'sugar kinase'
2 non-polymer ADENOSINE
3 non-polymer N-(hydroxymethyl)benzamide
4 non-polymer 'DIMETHYL SULFOXIDE'
5 non-polymer 'POTASSIUM ION'
6 water water
#
_entity_poly.entity_id   1
_entity_poly.type   'polypeptide(L)'
_entity_poly.pdbx_seq_one_letter_code
;(MSE)HHHHHHSSGVDLGTENLYFQS(MSE)TRFDVLTVGNAIVDIISRCNDQFLIDNQITKAA(MSE)NLIDAERAELL
YSR(MSE)GPALEASGGSAGNTAAGVANLGGKAAYFGNVAADQLGDIFTHDIRAQGVHYQTKPKGAFPPTARS(MSE)IF
VTEDGERS(MSE)NTYLGACVELGPEDVEADVVADAKVTYFEGYLWDPPRAKEAILDCARIAHQHGRE(MSE)S(MSE)T
LSDSFCVDRYRGEFLDL(MSE)RSGKVDIVFANRQEALSLYQTDDFEEALNRIAADCKIAAVT(MSE)SENGAVILKGRE
RYYVNAIRIREVVDTTGAGDLFASGFLYGYTQGRSLEDCGKLGCLAAGIVIQQIGPRP(MSE)TSLSEAAKQAGLI
;
_entity_poly.pdbx_strand_id   A,B
#
# COMPACT_ATOMS: atom_id res chain seq x y z
N THR A 24 -34.88 0.61 -6.39
CA THR A 24 -34.16 -0.69 -6.34
C THR A 24 -33.31 -0.57 -5.07
N ARG A 25 -32.46 -1.54 -4.78
CA ARG A 25 -31.53 -1.40 -3.65
C ARG A 25 -30.14 -1.02 -4.12
N PHE A 26 -29.80 -1.42 -5.33
CA PHE A 26 -28.45 -1.19 -5.87
C PHE A 26 -28.48 -0.61 -7.27
N ASP A 27 -27.54 0.28 -7.54
CA ASP A 27 -27.31 0.74 -8.89
C ASP A 27 -26.54 -0.28 -9.69
N VAL A 28 -25.45 -0.78 -9.10
CA VAL A 28 -24.52 -1.66 -9.81
C VAL A 28 -24.04 -2.75 -8.88
N LEU A 29 -24.32 -3.99 -9.28
CA LEU A 29 -23.68 -5.16 -8.70
C LEU A 29 -22.53 -5.52 -9.61
N THR A 30 -21.35 -5.71 -9.03
CA THR A 30 -20.26 -6.23 -9.84
C THR A 30 -19.84 -7.60 -9.33
N VAL A 31 -19.25 -8.39 -10.22
CA VAL A 31 -18.86 -9.77 -9.88
C VAL A 31 -17.48 -9.99 -10.50
N GLY A 32 -16.54 -10.43 -9.69
CA GLY A 32 -15.18 -10.67 -10.20
C GLY A 32 -14.30 -11.47 -9.28
N ASN A 33 -13.04 -11.63 -9.69
CA ASN A 33 -12.00 -12.24 -8.89
C ASN A 33 -11.55 -11.29 -7.78
N ALA A 34 -11.81 -11.66 -6.53
CA ALA A 34 -11.39 -10.89 -5.36
C ALA A 34 -9.88 -11.04 -5.13
N ILE A 35 -9.13 -9.96 -5.33
CA ILE A 35 -7.68 -10.01 -5.34
C ILE A 35 -7.11 -8.85 -4.53
N VAL A 36 -6.00 -9.11 -3.84
CA VAL A 36 -5.19 -8.05 -3.24
C VAL A 36 -3.95 -7.85 -4.11
N ASP A 37 -3.68 -6.58 -4.45
CA ASP A 37 -2.53 -6.24 -5.29
C ASP A 37 -1.29 -6.01 -4.44
N ILE A 38 -0.17 -6.43 -5.00
CA ILE A 38 1.17 -6.27 -4.43
C ILE A 38 1.93 -5.53 -5.54
N ILE A 39 2.27 -4.28 -5.25
CA ILE A 39 2.67 -3.31 -6.28
C ILE A 39 4.12 -2.87 -6.11
N SER A 40 4.86 -2.87 -7.21
CA SER A 40 6.22 -2.37 -7.24
C SER A 40 6.55 -1.72 -8.60
N ARG A 41 7.47 -0.76 -8.57
CA ARG A 41 8.09 -0.23 -9.79
C ARG A 41 9.17 -1.20 -10.29
N CYS A 42 9.33 -1.33 -11.60
CA CYS A 42 10.44 -2.10 -12.16
C CYS A 42 10.96 -1.43 -13.42
N ASN A 43 12.17 -1.78 -13.85
CA ASN A 43 12.69 -1.34 -15.15
C ASN A 43 12.16 -2.21 -16.30
N ASP A 44 12.37 -1.78 -17.54
CA ASP A 44 11.88 -2.50 -18.70
C ASP A 44 12.50 -3.91 -18.81
N GLN A 45 13.77 -4.00 -18.46
CA GLN A 45 14.50 -5.25 -18.57
C GLN A 45 13.97 -6.34 -17.61
N PHE A 46 13.43 -5.93 -16.47
CA PHE A 46 12.86 -6.87 -15.51
C PHE A 46 11.75 -7.71 -16.16
N LEU A 47 10.89 -7.07 -16.94
CA LEU A 47 9.81 -7.79 -17.60
C LEU A 47 10.33 -8.85 -18.55
N ILE A 48 11.35 -8.48 -19.33
CA ILE A 48 11.95 -9.35 -20.32
C ILE A 48 12.68 -10.51 -19.62
N ASP A 49 13.48 -10.20 -18.60
CA ASP A 49 14.26 -11.22 -17.92
C ASP A 49 13.37 -12.27 -17.26
N ASN A 50 12.15 -11.87 -16.87
CA ASN A 50 11.23 -12.75 -16.18
C ASN A 50 10.06 -13.26 -17.03
N GLN A 51 10.11 -12.95 -18.33
CA GLN A 51 9.12 -13.43 -19.31
C GLN A 51 7.70 -13.08 -18.90
N ILE A 52 7.55 -11.83 -18.45
CA ILE A 52 6.26 -11.27 -18.07
C ILE A 52 5.73 -10.50 -19.26
N THR A 53 4.52 -10.80 -19.70
CA THR A 53 3.94 -10.10 -20.85
C THR A 53 3.54 -8.70 -20.42
N LYS A 54 4.15 -7.68 -21.04
CA LYS A 54 3.92 -6.30 -20.64
C LYS A 54 2.47 -5.93 -20.90
N ALA A 55 1.89 -5.20 -19.95
CA ALA A 55 0.53 -4.64 -20.06
C ALA A 55 -0.58 -5.67 -19.96
N ALA A 56 -0.20 -6.93 -19.71
CA ALA A 56 -1.17 -7.99 -19.66
C ALA A 56 -1.40 -8.54 -18.25
N ASN A 58 -1.11 -11.84 -16.47
CA ASN A 58 -0.42 -13.12 -16.61
C ASN A 58 -0.82 -14.07 -15.46
N LEU A 59 -1.54 -15.15 -15.77
CA LEU A 59 -1.88 -16.14 -14.74
C LEU A 59 -0.68 -16.97 -14.31
N ILE A 60 -0.57 -17.20 -13.01
CA ILE A 60 0.57 -17.92 -12.44
C ILE A 60 0.12 -18.90 -11.36
N ASP A 61 0.89 -19.98 -11.24
CA ASP A 61 0.70 -20.96 -10.16
C ASP A 61 1.44 -20.55 -8.89
N ALA A 62 1.29 -21.35 -7.83
CA ALA A 62 1.84 -20.98 -6.54
C ALA A 62 3.36 -20.95 -6.57
N GLU A 63 3.96 -21.89 -7.30
CA GLU A 63 5.41 -21.94 -7.43
C GLU A 63 5.94 -20.68 -8.10
N ARG A 64 5.32 -20.30 -9.22
CA ARG A 64 5.73 -19.10 -9.94
C ARG A 64 5.50 -17.84 -9.10
N ALA A 65 4.43 -17.84 -8.31
CA ALA A 65 4.18 -16.70 -7.43
C ALA A 65 5.33 -16.49 -6.46
N GLU A 66 5.78 -17.57 -5.83
CA GLU A 66 6.91 -17.47 -4.91
C GLU A 66 8.19 -17.05 -5.63
N LEU A 67 8.44 -17.57 -6.83
CA LEU A 67 9.61 -17.16 -7.62
C LEU A 67 9.57 -15.65 -7.92
N LEU A 68 8.46 -15.20 -8.49
CA LEU A 68 8.37 -13.81 -8.88
C LEU A 68 8.47 -12.90 -7.67
N TYR A 69 7.83 -13.29 -6.56
CA TYR A 69 7.89 -12.46 -5.37
C TYR A 69 9.34 -12.31 -4.87
N SER A 70 10.13 -13.39 -4.98
CA SER A 70 11.52 -13.36 -4.51
C SER A 70 12.36 -12.36 -5.29
N ARG A 71 11.89 -12.02 -6.50
CA ARG A 71 12.63 -11.10 -7.38
C ARG A 71 12.06 -9.70 -7.32
N GLY A 73 10.98 -6.13 -5.74
CA GLY A 73 11.47 -5.25 -4.70
C GLY A 73 10.47 -5.05 -3.57
N PRO A 74 10.81 -4.18 -2.61
CA PRO A 74 9.83 -3.81 -1.58
C PRO A 74 8.55 -3.34 -2.25
N ALA A 75 7.40 -3.73 -1.70
CA ALA A 75 6.12 -3.47 -2.35
C ALA A 75 5.12 -2.81 -1.42
N LEU A 76 4.02 -2.38 -2.03
CA LEU A 76 2.87 -1.81 -1.35
CA LEU A 76 2.87 -1.85 -1.31
C LEU A 76 1.69 -2.75 -1.62
N GLU A 77 0.78 -2.90 -0.66
CA GLU A 77 -0.42 -3.70 -0.88
C GLU A 77 -1.65 -2.82 -0.88
N ALA A 78 -2.56 -3.16 -1.78
CA ALA A 78 -3.84 -2.47 -1.90
C ALA A 78 -4.87 -3.42 -2.47
N SER A 79 -6.07 -3.39 -1.90
CA SER A 79 -7.17 -4.16 -2.46
C SER A 79 -7.36 -3.85 -3.95
N GLY A 80 -7.53 -4.91 -4.73
CA GLY A 80 -7.71 -4.83 -6.18
C GLY A 80 -8.89 -5.66 -6.67
N GLY A 81 -8.69 -6.37 -7.77
CA GLY A 81 -9.78 -7.06 -8.46
C GLY A 81 -10.49 -6.06 -9.38
N SER A 82 -10.51 -6.33 -10.67
CA SER A 82 -11.08 -5.35 -11.62
CA SER A 82 -11.11 -5.35 -11.63
C SER A 82 -12.52 -4.94 -11.23
N ALA A 83 -13.41 -5.92 -11.05
CA ALA A 83 -14.80 -5.65 -10.66
C ALA A 83 -14.92 -5.05 -9.25
N GLY A 84 -14.00 -5.43 -8.37
CA GLY A 84 -13.94 -4.86 -7.02
C GLY A 84 -13.67 -3.37 -7.09
N ASN A 85 -12.66 -3.03 -7.91
CA ASN A 85 -12.31 -1.64 -8.16
C ASN A 85 -13.49 -0.87 -8.74
N THR A 86 -14.19 -1.49 -9.70
CA THR A 86 -15.35 -0.85 -10.31
C THR A 86 -16.44 -0.57 -9.30
N ALA A 87 -16.74 -1.55 -8.45
CA ALA A 87 -17.76 -1.35 -7.43
C ALA A 87 -17.38 -0.25 -6.46
N ALA A 88 -16.11 -0.26 -6.04
CA ALA A 88 -15.61 0.78 -5.13
C ALA A 88 -15.74 2.16 -5.78
N GLY A 89 -15.43 2.24 -7.08
CA GLY A 89 -15.57 3.50 -7.83
C GLY A 89 -16.99 4.04 -7.88
N VAL A 90 -17.96 3.15 -8.10
CA VAL A 90 -19.38 3.54 -8.12
C VAL A 90 -19.76 4.11 -6.76
N ALA A 91 -19.37 3.42 -5.68
CA ALA A 91 -19.67 3.89 -4.33
C ALA A 91 -19.03 5.25 -4.04
N ASN A 92 -17.79 5.41 -4.46
CA ASN A 92 -17.06 6.69 -4.32
C ASN A 92 -17.84 7.82 -5.02
N LEU A 93 -18.33 7.56 -6.23
CA LEU A 93 -19.10 8.58 -6.97
C LEU A 93 -20.44 8.95 -6.29
N GLY A 94 -20.92 8.06 -5.41
CA GLY A 94 -22.17 8.23 -4.68
C GLY A 94 -23.29 7.30 -5.08
N GLY A 95 -22.98 6.35 -5.95
CA GLY A 95 -23.93 5.32 -6.35
C GLY A 95 -24.00 4.22 -5.33
N LYS A 96 -24.93 3.31 -5.55
CA LYS A 96 -25.13 2.21 -4.62
C LYS A 96 -24.61 0.94 -5.25
N ALA A 97 -23.55 0.39 -4.67
CA ALA A 97 -22.86 -0.75 -5.24
C ALA A 97 -22.95 -2.01 -4.36
N ALA A 98 -22.91 -3.16 -5.02
CA ALA A 98 -22.73 -4.45 -4.34
C ALA A 98 -21.66 -5.24 -5.08
N TYR A 99 -21.12 -6.27 -4.44
CA TYR A 99 -20.03 -7.05 -5.03
C TYR A 99 -20.14 -8.52 -4.66
N PHE A 100 -19.92 -9.41 -5.63
CA PHE A 100 -19.72 -10.85 -5.32
C PHE A 100 -18.29 -11.20 -5.69
N GLY A 101 -17.58 -11.85 -4.77
CA GLY A 101 -16.23 -12.35 -5.07
C GLY A 101 -15.72 -13.06 -3.84
N ASN A 102 -14.88 -14.07 -4.06
CA ASN A 102 -14.54 -15.00 -2.98
C ASN A 102 -13.10 -14.87 -2.51
N VAL A 103 -12.94 -14.52 -1.24
CA VAL A 103 -11.65 -14.55 -0.55
C VAL A 103 -11.53 -15.77 0.38
N ALA A 104 -10.33 -15.96 0.91
CA ALA A 104 -10.10 -16.94 1.97
C ALA A 104 -10.19 -16.29 3.34
N ALA A 105 -10.31 -17.14 4.36
CA ALA A 105 -10.31 -16.71 5.74
C ALA A 105 -8.87 -16.53 6.18
N ASP A 106 -8.23 -15.48 5.69
CA ASP A 106 -6.84 -15.19 6.01
C ASP A 106 -6.68 -13.67 6.02
N GLN A 107 -5.48 -13.18 6.27
CA GLN A 107 -5.28 -11.74 6.48
C GLN A 107 -5.52 -10.96 5.22
N LEU A 108 -5.09 -11.49 4.08
CA LEU A 108 -5.40 -10.84 2.79
C LEU A 108 -6.90 -10.73 2.54
N GLY A 109 -7.64 -11.78 2.88
CA GLY A 109 -9.09 -11.79 2.72
C GLY A 109 -9.73 -10.77 3.64
N ASP A 110 -9.20 -10.66 4.85
CA ASP A 110 -9.68 -9.68 5.83
C ASP A 110 -9.45 -8.24 5.35
N ILE A 111 -8.28 -8.01 4.77
CA ILE A 111 -7.98 -6.71 4.15
C ILE A 111 -8.95 -6.44 3.00
N PHE A 112 -9.12 -7.41 2.11
CA PHE A 112 -10.06 -7.24 1.00
C PHE A 112 -11.46 -6.89 1.49
N THR A 113 -11.96 -7.66 2.45
CA THR A 113 -13.31 -7.47 2.96
C THR A 113 -13.44 -6.10 3.60
N HIS A 114 -12.43 -5.69 4.36
CA HIS A 114 -12.49 -4.40 5.01
C HIS A 114 -12.56 -3.27 3.97
N ASP A 115 -11.66 -3.30 3.01
CA ASP A 115 -11.53 -2.16 2.11
C ASP A 115 -12.79 -1.93 1.32
N ILE A 116 -13.40 -3.00 0.82
CA ILE A 116 -14.59 -2.83 -0.01
C ILE A 116 -15.81 -2.46 0.82
N ARG A 117 -15.99 -3.10 1.97
CA ARG A 117 -17.08 -2.71 2.87
C ARG A 117 -16.93 -1.28 3.39
N ALA A 118 -15.70 -0.87 3.67
CA ALA A 118 -15.41 0.47 4.18
C ALA A 118 -15.74 1.55 3.17
N GLN A 119 -15.71 1.21 1.89
CA GLN A 119 -16.07 2.14 0.82
C GLN A 119 -17.58 2.25 0.66
N GLY A 120 -18.33 1.39 1.38
CA GLY A 120 -19.80 1.39 1.32
C GLY A 120 -20.35 0.51 0.21
N VAL A 121 -19.56 -0.48 -0.20
CA VAL A 121 -20.03 -1.52 -1.11
C VAL A 121 -20.65 -2.67 -0.27
N HIS A 122 -21.83 -3.12 -0.67
CA HIS A 122 -22.54 -4.22 -0.02
C HIS A 122 -21.80 -5.50 -0.40
N TYR A 123 -21.08 -6.08 0.55
CA TYR A 123 -20.25 -7.28 0.30
C TYR A 123 -20.42 -8.32 1.39
N GLN A 124 -20.90 -9.49 0.97
CA GLN A 124 -21.35 -10.52 1.89
CA GLN A 124 -21.41 -10.54 1.85
C GLN A 124 -20.81 -11.90 1.60
N THR A 125 -20.01 -12.05 0.54
CA THR A 125 -19.54 -13.38 0.14
C THR A 125 -18.64 -13.98 1.21
N LYS A 126 -19.05 -15.13 1.77
CA LYS A 126 -18.34 -15.74 2.89
C LYS A 126 -17.21 -16.63 2.39
N PRO A 127 -16.03 -16.54 3.02
CA PRO A 127 -14.94 -17.45 2.70
C PRO A 127 -15.30 -18.90 3.06
N LYS A 128 -14.72 -19.86 2.35
CA LYS A 128 -15.04 -21.26 2.52
C LYS A 128 -14.02 -21.98 3.40
N GLY A 129 -12.96 -21.27 3.75
CA GLY A 129 -11.86 -21.80 4.55
C GLY A 129 -10.62 -20.94 4.28
N ALA A 130 -9.48 -21.35 4.82
CA ALA A 130 -8.22 -20.64 4.65
C ALA A 130 -7.45 -21.08 3.41
N PHE A 131 -7.86 -22.18 2.78
CA PHE A 131 -7.10 -22.76 1.67
C PHE A 131 -8.01 -23.21 0.53
N PRO A 132 -7.69 -22.80 -0.73
CA PRO A 132 -6.53 -21.99 -1.11
C PRO A 132 -6.62 -20.57 -0.56
N PRO A 133 -5.47 -19.91 -0.41
CA PRO A 133 -5.43 -18.58 0.18
C PRO A 133 -6.02 -17.52 -0.77
N THR A 134 -6.23 -16.33 -0.22
CA THR A 134 -6.80 -15.24 -1.00
C THR A 134 -5.92 -14.90 -2.22
N ALA A 135 -6.56 -14.62 -3.35
CA ALA A 135 -5.84 -14.28 -4.58
C ALA A 135 -4.99 -13.05 -4.35
N ARG A 136 -3.85 -13.04 -5.04
CA ARG A 136 -3.02 -11.84 -5.08
C ARG A 136 -2.43 -11.66 -6.46
N SER A 137 -2.16 -10.40 -6.81
CA SER A 137 -1.58 -10.09 -8.10
C SER A 137 -0.35 -9.23 -7.87
N ILE A 139 1.93 -6.73 -9.33
CA ILE A 139 1.77 -5.78 -10.41
C ILE A 139 3.04 -4.95 -10.49
N PHE A 140 3.69 -5.06 -11.64
CA PHE A 140 4.94 -4.34 -11.92
C PHE A 140 4.65 -3.14 -12.80
N VAL A 141 5.00 -1.96 -12.30
CA VAL A 141 4.72 -0.71 -13.02
C VAL A 141 6.02 -0.18 -13.59
N THR A 142 6.05 -0.03 -14.91
CA THR A 142 7.22 0.47 -15.62
C THR A 142 7.21 2.01 -15.65
N GLU A 143 8.33 2.61 -16.08
CA GLU A 143 8.52 4.06 -16.04
C GLU A 143 7.46 4.84 -16.83
N ASP A 144 6.96 4.22 -17.89
CA ASP A 144 5.87 4.77 -18.69
C ASP A 144 4.50 4.67 -18.02
N GLY A 145 4.43 4.08 -16.84
CA GLY A 145 3.17 3.96 -16.10
C GLY A 145 2.32 2.77 -16.50
N GLU A 146 2.78 1.99 -17.47
CA GLU A 146 2.11 0.73 -17.80
C GLU A 146 2.25 -0.27 -16.66
N ARG A 147 1.24 -1.10 -16.57
CA ARG A 147 1.20 -2.12 -15.48
CA ARG A 147 1.18 -2.11 -15.49
C ARG A 147 1.09 -3.57 -16.07
N SER A 148 1.89 -4.45 -15.46
CA SER A 148 1.96 -5.83 -15.90
C SER A 148 1.68 -6.71 -14.68
N ASN A 150 0.57 -10.22 -12.48
CA ASN A 150 0.92 -11.63 -12.36
C ASN A 150 0.11 -12.21 -11.22
N THR A 151 -0.95 -12.94 -11.60
CA THR A 151 -2.04 -13.22 -10.69
C THR A 151 -2.14 -14.69 -10.34
N TYR A 152 -2.08 -14.97 -9.04
CA TYR A 152 -2.37 -16.31 -8.52
C TYR A 152 -3.80 -16.26 -7.99
N LEU A 153 -4.68 -17.06 -8.59
CA LEU A 153 -6.10 -16.97 -8.31
C LEU A 153 -6.55 -17.44 -6.94
N GLY A 154 -5.82 -18.39 -6.34
CA GLY A 154 -6.15 -18.87 -4.98
C GLY A 154 -7.65 -19.17 -4.81
N ALA A 155 -8.23 -18.57 -3.77
CA ALA A 155 -9.63 -18.78 -3.42
C ALA A 155 -10.65 -18.39 -4.48
N CYS A 156 -10.22 -17.62 -5.47
CA CYS A 156 -11.12 -17.25 -6.57
C CYS A 156 -11.63 -18.46 -7.33
N VAL A 157 -10.87 -19.56 -7.31
CA VAL A 157 -11.30 -20.75 -8.02
C VAL A 157 -12.57 -21.38 -7.39
N GLU A 158 -12.92 -20.95 -6.17
CA GLU A 158 -14.07 -21.53 -5.46
CA GLU A 158 -14.07 -21.51 -5.43
C GLU A 158 -15.38 -20.76 -5.70
N LEU A 159 -15.31 -19.63 -6.40
CA LEU A 159 -16.54 -18.87 -6.67
C LEU A 159 -17.46 -19.68 -7.60
N GLY A 160 -18.70 -19.88 -7.16
CA GLY A 160 -19.67 -20.63 -7.94
C GLY A 160 -21.09 -20.15 -7.76
N PRO A 161 -22.05 -20.88 -8.35
CA PRO A 161 -23.48 -20.52 -8.26
C PRO A 161 -23.99 -20.31 -6.83
N GLU A 162 -23.40 -21.02 -5.87
CA GLU A 162 -23.77 -20.90 -4.46
C GLU A 162 -23.49 -19.49 -3.89
N ASP A 163 -22.70 -18.71 -4.63
CA ASP A 163 -22.31 -17.36 -4.20
C ASP A 163 -23.19 -16.27 -4.78
N VAL A 164 -24.16 -16.69 -5.57
CA VAL A 164 -25.09 -15.73 -6.15
C VAL A 164 -26.15 -15.39 -5.11
N GLU A 165 -26.23 -14.12 -4.72
CA GLU A 165 -27.29 -13.67 -3.81
C GLU A 165 -28.39 -13.21 -4.74
N ALA A 166 -29.38 -14.06 -4.96
CA ALA A 166 -30.40 -13.79 -5.97
C ALA A 166 -31.18 -12.50 -5.76
N ASP A 167 -31.47 -12.17 -4.50
CA ASP A 167 -32.14 -10.91 -4.14
C ASP A 167 -31.31 -9.68 -4.55
N VAL A 168 -29.99 -9.78 -4.47
CA VAL A 168 -29.12 -8.66 -4.82
C VAL A 168 -29.13 -8.44 -6.33
N VAL A 169 -29.03 -9.51 -7.11
CA VAL A 169 -29.12 -9.41 -8.55
C VAL A 169 -30.47 -8.85 -8.97
N ALA A 170 -31.53 -9.37 -8.36
CA ALA A 170 -32.89 -8.92 -8.70
C ALA A 170 -33.08 -7.43 -8.42
N ASP A 171 -32.38 -6.91 -7.39
CA ASP A 171 -32.55 -5.53 -6.93
C ASP A 171 -31.43 -4.59 -7.43
N ALA A 172 -30.67 -5.05 -8.42
CA ALA A 172 -29.61 -4.20 -8.98
C ALA A 172 -29.94 -3.72 -10.39
N LYS A 173 -29.83 -2.41 -10.65
CA LYS A 173 -30.15 -1.93 -11.99
C LYS A 173 -29.26 -2.55 -13.06
N VAL A 174 -27.97 -2.71 -12.77
CA VAL A 174 -27.00 -3.32 -13.69
C VAL A 174 -26.18 -4.33 -12.89
N THR A 175 -26.00 -5.51 -13.48
CA THR A 175 -25.01 -6.47 -12.98
C THR A 175 -23.89 -6.51 -14.00
N TYR A 176 -22.68 -6.23 -13.53
CA TYR A 176 -21.48 -6.13 -14.35
C TYR A 176 -20.46 -7.19 -13.92
N PHE A 177 -19.85 -7.85 -14.89
CA PHE A 177 -18.85 -8.86 -14.55
C PHE A 177 -17.62 -8.86 -15.44
N GLU A 178 -16.56 -9.48 -14.92
CA GLU A 178 -15.30 -9.58 -15.65
C GLU A 178 -15.26 -10.74 -16.63
N GLY A 179 -14.75 -10.52 -17.84
CA GLY A 179 -14.33 -11.65 -18.68
C GLY A 179 -13.29 -12.55 -17.99
N TYR A 180 -12.50 -11.97 -17.08
CA TYR A 180 -11.51 -12.70 -16.26
C TYR A 180 -12.17 -13.86 -15.51
N LEU A 181 -13.48 -13.79 -15.28
CA LEU A 181 -14.17 -14.87 -14.56
C LEU A 181 -14.21 -16.17 -15.36
N TRP A 182 -13.83 -16.13 -16.64
CA TRP A 182 -13.84 -17.36 -17.44
C TRP A 182 -12.63 -18.26 -17.15
N ASP A 183 -11.61 -17.74 -16.46
CA ASP A 183 -10.43 -18.58 -16.10
C ASP A 183 -10.72 -19.57 -14.95
N PRO A 184 -11.25 -19.09 -13.80
CA PRO A 184 -11.61 -20.08 -12.78
C PRO A 184 -12.71 -21.02 -13.26
N PRO A 185 -12.88 -22.20 -12.61
CA PRO A 185 -13.71 -23.19 -13.30
C PRO A 185 -15.23 -23.00 -13.29
N ARG A 186 -15.77 -22.48 -12.20
CA ARG A 186 -17.22 -22.49 -12.00
C ARG A 186 -17.87 -21.12 -11.95
N ALA A 187 -17.06 -20.06 -12.03
CA ALA A 187 -17.56 -18.70 -11.97
C ALA A 187 -18.57 -18.41 -13.09
N LYS A 188 -18.32 -18.99 -14.25
CA LYS A 188 -19.21 -18.78 -15.38
C LYS A 188 -20.63 -19.27 -15.13
N GLU A 189 -20.76 -20.33 -14.36
CA GLU A 189 -22.08 -20.83 -13.99
C GLU A 189 -22.80 -19.79 -13.12
N ALA A 190 -22.10 -19.19 -12.17
CA ALA A 190 -22.68 -18.08 -11.40
C ALA A 190 -23.16 -16.93 -12.29
N ILE A 191 -22.33 -16.58 -13.27
CA ILE A 191 -22.68 -15.50 -14.20
C ILE A 191 -23.94 -15.80 -15.02
N LEU A 192 -24.08 -17.04 -15.50
CA LEU A 192 -25.26 -17.39 -16.28
C LEU A 192 -26.52 -17.31 -15.40
N ASP A 193 -26.38 -17.68 -14.13
CA ASP A 193 -27.48 -17.57 -13.17
C ASP A 193 -27.84 -16.09 -12.98
N CYS A 194 -26.82 -15.24 -12.83
CA CYS A 194 -27.02 -13.79 -12.71
C CYS A 194 -27.76 -13.23 -13.91
N ALA A 195 -27.35 -13.62 -15.12
CA ALA A 195 -27.98 -13.10 -16.34
C ALA A 195 -29.47 -13.45 -16.41
N ARG A 196 -29.79 -14.68 -16.00
CA ARG A 196 -31.17 -15.14 -15.96
C ARG A 196 -31.99 -14.30 -14.96
N ILE A 197 -31.50 -14.18 -13.73
CA ILE A 197 -32.21 -13.43 -12.69
C ILE A 197 -32.36 -11.95 -13.08
N ALA A 198 -31.25 -11.34 -13.49
CA ALA A 198 -31.30 -9.92 -13.89
C ALA A 198 -32.32 -9.69 -14.99
N HIS A 199 -32.26 -10.48 -16.04
CA HIS A 199 -33.20 -10.29 -17.14
C HIS A 199 -34.66 -10.61 -16.79
N GLN A 200 -34.89 -11.57 -15.90
CA GLN A 200 -36.25 -11.84 -15.42
C GLN A 200 -36.85 -10.69 -14.62
N HIS A 201 -35.98 -9.85 -14.04
CA HIS A 201 -36.43 -8.73 -13.24
C HIS A 201 -36.28 -7.42 -14.00
N GLY A 202 -36.05 -7.53 -15.31
CA GLY A 202 -35.95 -6.35 -16.18
C GLY A 202 -34.73 -5.47 -15.98
N ARG A 203 -33.68 -6.06 -15.41
CA ARG A 203 -32.41 -5.35 -15.22
C ARG A 203 -31.51 -5.57 -16.43
N GLU A 204 -30.33 -4.96 -16.42
CA GLU A 204 -29.36 -5.12 -17.49
C GLU A 204 -28.08 -5.79 -17.03
N SER A 206 -23.93 -6.37 -17.92
CA SER A 206 -22.77 -5.76 -18.54
C SER A 206 -21.54 -6.63 -18.30
N THR A 208 -17.01 -6.62 -18.98
CA THR A 208 -15.77 -6.12 -19.55
C THR A 208 -14.98 -7.26 -20.18
N LEU A 209 -14.37 -6.99 -21.32
CA LEU A 209 -13.53 -7.96 -22.03
C LEU A 209 -12.23 -8.23 -21.27
N SER A 210 -11.90 -7.34 -20.31
CA SER A 210 -10.84 -7.54 -19.30
C SER A 210 -9.39 -7.42 -19.77
N ASP A 211 -9.03 -8.17 -20.81
CA ASP A 211 -7.62 -8.31 -21.21
C ASP A 211 -7.60 -9.00 -22.57
N SER A 212 -6.71 -8.57 -23.46
CA SER A 212 -6.66 -9.11 -24.82
C SER A 212 -6.32 -10.59 -24.91
N PHE A 213 -5.50 -11.10 -23.99
CA PHE A 213 -5.21 -12.53 -23.94
C PHE A 213 -6.39 -13.29 -23.36
N CYS A 214 -7.08 -12.68 -22.40
CA CYS A 214 -8.31 -13.26 -21.88
C CYS A 214 -9.33 -13.43 -23.01
N VAL A 215 -9.52 -12.39 -23.82
CA VAL A 215 -10.37 -12.44 -25.01
C VAL A 215 -9.90 -13.58 -25.92
N ASP A 216 -8.59 -13.74 -26.10
CA ASP A 216 -8.09 -14.77 -26.98
C ASP A 216 -8.44 -16.16 -26.43
N ARG A 217 -8.45 -16.30 -25.10
CA ARG A 217 -8.80 -17.61 -24.52
C ARG A 217 -10.29 -17.98 -24.67
N TYR A 218 -11.16 -16.96 -24.67
CA TYR A 218 -12.61 -17.15 -24.55
C TYR A 218 -13.39 -16.40 -25.61
N ARG A 219 -12.74 -16.22 -26.77
CA ARG A 219 -13.31 -15.40 -27.84
C ARG A 219 -14.72 -15.83 -28.24
N GLY A 220 -14.86 -17.11 -28.57
CA GLY A 220 -16.15 -17.69 -28.95
C GLY A 220 -17.20 -17.52 -27.87
N GLU A 221 -16.82 -17.80 -26.63
CA GLU A 221 -17.73 -17.66 -25.51
C GLU A 221 -18.19 -16.22 -25.31
N PHE A 222 -17.28 -15.26 -25.45
CA PHE A 222 -17.62 -13.86 -25.25
C PHE A 222 -18.57 -13.39 -26.33
N LEU A 223 -18.27 -13.73 -27.58
CA LEU A 223 -19.18 -13.39 -28.69
C LEU A 223 -20.56 -13.98 -28.46
N ASP A 224 -20.62 -15.21 -27.96
CA ASP A 224 -21.90 -15.85 -27.68
C ASP A 224 -22.68 -15.16 -26.55
N LEU A 225 -21.98 -14.73 -25.51
CA LEU A 225 -22.64 -13.95 -24.45
C LEU A 225 -23.36 -12.71 -25.02
N ARG A 227 -24.08 -12.05 -28.44
CA ARG A 227 -25.05 -12.40 -29.47
C ARG A 227 -26.33 -13.05 -28.97
N SER A 228 -26.23 -13.82 -27.88
CA SER A 228 -27.40 -14.46 -27.27
C SER A 228 -28.18 -13.49 -26.35
N GLY A 229 -27.68 -12.27 -26.18
CA GLY A 229 -28.37 -11.28 -25.36
C GLY A 229 -28.17 -11.43 -23.85
N LYS A 230 -27.21 -12.27 -23.43
CA LYS A 230 -26.91 -12.40 -21.99
C LYS A 230 -26.20 -11.16 -21.47
N VAL A 231 -25.50 -10.47 -22.37
CA VAL A 231 -24.82 -9.21 -22.06
C VAL A 231 -25.43 -8.10 -22.90
N ASP A 232 -25.81 -7.01 -22.23
CA ASP A 232 -26.43 -5.85 -22.86
C ASP A 232 -25.43 -4.74 -23.13
N ILE A 233 -24.46 -4.54 -22.24
CA ILE A 233 -23.49 -3.44 -22.35
C ILE A 233 -22.08 -4.01 -22.21
N VAL A 234 -21.22 -3.80 -23.21
CA VAL A 234 -19.86 -4.35 -23.17
CA VAL A 234 -19.88 -4.35 -23.16
C VAL A 234 -18.83 -3.24 -23.09
N PHE A 235 -17.84 -3.44 -22.21
CA PHE A 235 -16.67 -2.55 -22.09
C PHE A 235 -15.48 -3.20 -22.75
N ALA A 236 -14.73 -2.43 -23.53
CA ALA A 236 -13.51 -2.91 -24.17
C ALA A 236 -12.53 -1.77 -24.30
N ASN A 237 -11.24 -2.08 -24.32
CA ASN A 237 -10.24 -1.12 -24.82
C ASN A 237 -9.87 -1.51 -26.24
N ARG A 238 -9.00 -0.72 -26.85
CA ARG A 238 -8.63 -0.95 -28.23
C ARG A 238 -8.08 -2.36 -28.43
N GLN A 239 -7.16 -2.76 -27.55
CA GLN A 239 -6.47 -4.05 -27.70
C GLN A 239 -7.45 -5.22 -27.56
N GLU A 240 -8.41 -5.08 -26.66
CA GLU A 240 -9.43 -6.13 -26.50
C GLU A 240 -10.37 -6.21 -27.71
N ALA A 241 -10.78 -5.05 -28.24
CA ALA A 241 -11.66 -5.01 -29.41
C ALA A 241 -10.97 -5.65 -30.62
N LEU A 242 -9.70 -5.31 -30.83
CA LEU A 242 -8.90 -5.90 -31.88
C LEU A 242 -8.74 -7.42 -31.71
N SER A 243 -8.47 -7.86 -30.49
N SER A 243 -8.48 -7.85 -30.48
CA SER A 243 -8.37 -9.28 -30.21
CA SER A 243 -8.38 -9.28 -30.17
C SER A 243 -9.70 -10.01 -30.44
C SER A 243 -9.70 -10.01 -30.43
N LEU A 244 -10.81 -9.38 -30.07
CA LEU A 244 -12.13 -10.00 -30.22
C LEU A 244 -12.42 -10.43 -31.66
N TYR A 245 -12.07 -9.57 -32.62
CA TYR A 245 -12.37 -9.84 -34.01
C TYR A 245 -11.14 -10.27 -34.82
N GLN A 246 -10.01 -10.42 -34.11
CA GLN A 246 -8.77 -10.97 -34.67
C GLN A 246 -8.34 -10.14 -35.87
N THR A 247 -8.26 -8.83 -35.64
CA THR A 247 -7.93 -7.86 -36.67
C THR A 247 -7.06 -6.77 -36.06
N ASP A 248 -6.29 -6.09 -36.89
CA ASP A 248 -5.59 -4.90 -36.40
C ASP A 248 -6.25 -3.61 -36.92
N ASP A 249 -7.37 -3.77 -37.61
CA ASP A 249 -8.16 -2.66 -38.10
C ASP A 249 -9.18 -2.25 -37.04
N PHE A 250 -8.90 -1.16 -36.33
CA PHE A 250 -9.78 -0.67 -35.29
C PHE A 250 -11.16 -0.22 -35.79
N GLU A 251 -11.20 0.39 -36.96
CA GLU A 251 -12.49 0.79 -37.54
C GLU A 251 -13.38 -0.43 -37.76
N GLU A 252 -12.77 -1.51 -38.25
CA GLU A 252 -13.48 -2.75 -38.45
C GLU A 252 -14.01 -3.29 -37.11
N ALA A 253 -13.14 -3.27 -36.10
CA ALA A 253 -13.51 -3.77 -34.77
C ALA A 253 -14.69 -2.99 -34.18
N LEU A 254 -14.69 -1.66 -34.35
CA LEU A 254 -15.81 -0.83 -33.88
C LEU A 254 -17.13 -1.20 -34.57
N ASN A 255 -17.09 -1.32 -35.91
CA ASN A 255 -18.27 -1.70 -36.65
C ASN A 255 -18.80 -3.05 -36.19
N ARG A 256 -17.88 -4.00 -36.00
CA ARG A 256 -18.27 -5.34 -35.57
C ARG A 256 -18.85 -5.38 -34.15
N ILE A 257 -18.18 -4.73 -33.20
CA ILE A 257 -18.66 -4.76 -31.82
C ILE A 257 -20.05 -4.11 -31.67
N ALA A 258 -20.31 -3.05 -32.45
CA ALA A 258 -21.59 -2.38 -32.42
C ALA A 258 -22.71 -3.30 -32.89
N ALA A 259 -22.38 -4.21 -33.79
CA ALA A 259 -23.38 -5.16 -34.29
C ALA A 259 -23.68 -6.30 -33.30
N ASP A 260 -22.76 -6.52 -32.37
CA ASP A 260 -22.85 -7.68 -31.47
C ASP A 260 -23.45 -7.40 -30.10
N CYS A 261 -23.57 -6.13 -29.73
CA CYS A 261 -24.15 -5.82 -28.42
CA CYS A 261 -24.08 -5.77 -28.40
C CYS A 261 -24.94 -4.52 -28.46
N LYS A 262 -25.87 -4.37 -27.52
CA LYS A 262 -26.75 -3.19 -27.54
C LYS A 262 -25.98 -1.88 -27.36
N ILE A 263 -25.10 -1.83 -26.38
CA ILE A 263 -24.22 -0.70 -26.15
C ILE A 263 -22.79 -1.21 -25.96
N ALA A 264 -21.84 -0.59 -26.65
CA ALA A 264 -20.43 -0.87 -26.45
C ALA A 264 -19.72 0.40 -26.01
N ALA A 265 -18.93 0.32 -24.93
CA ALA A 265 -18.12 1.46 -24.51
C ALA A 265 -16.66 1.10 -24.73
N VAL A 266 -16.00 1.79 -25.67
CA VAL A 266 -14.67 1.38 -26.08
C VAL A 266 -13.68 2.47 -25.72
N THR A 267 -12.67 2.13 -24.92
CA THR A 267 -11.70 3.10 -24.45
C THR A 267 -10.46 3.05 -25.30
N SER A 269 -7.30 4.74 -24.30
CA SER A 269 -6.22 5.30 -23.49
C SER A 269 -6.20 6.84 -23.57
N GLU A 270 -5.10 7.42 -24.02
CA GLU A 270 -4.96 8.88 -24.10
C GLU A 270 -5.85 9.50 -25.17
N ASN A 271 -6.39 8.67 -26.06
CA ASN A 271 -7.26 9.16 -27.15
C ASN A 271 -8.75 9.18 -26.77
N GLY A 272 -9.03 8.85 -25.51
CA GLY A 272 -10.37 9.00 -24.95
C GLY A 272 -11.20 7.75 -25.06
N ALA A 273 -12.45 7.92 -25.52
CA ALA A 273 -13.37 6.78 -25.60
C ALA A 273 -14.44 7.00 -26.66
N VAL A 274 -15.09 5.92 -27.07
CA VAL A 274 -16.24 6.04 -27.97
C VAL A 274 -17.35 5.12 -27.51
N ILE A 275 -18.56 5.65 -27.42
CA ILE A 275 -19.71 4.87 -27.00
C ILE A 275 -20.56 4.58 -28.23
N LEU A 276 -20.87 3.31 -28.46
CA LEU A 276 -21.58 2.87 -29.63
C LEU A 276 -22.94 2.32 -29.25
N LYS A 277 -23.99 2.70 -29.97
CA LYS A 277 -25.31 2.10 -29.78
C LYS A 277 -25.99 2.06 -31.14
N GLY A 278 -26.02 0.88 -31.74
CA GLY A 278 -26.59 0.74 -33.08
C GLY A 278 -25.69 1.46 -34.04
N ARG A 279 -26.23 2.47 -34.73
CA ARG A 279 -25.48 3.32 -35.66
C ARG A 279 -24.92 4.57 -34.97
N GLU A 280 -25.37 4.81 -33.75
CA GLU A 280 -24.94 5.97 -32.97
C GLU A 280 -23.50 5.80 -32.44
N ARG A 281 -22.67 6.80 -32.63
CA ARG A 281 -21.36 6.87 -31.99
CA ARG A 281 -21.34 6.87 -32.01
C ARG A 281 -21.17 8.18 -31.17
N TYR A 282 -20.73 8.04 -29.93
CA TYR A 282 -20.47 9.24 -29.09
C TYR A 282 -19.02 9.23 -28.65
N TYR A 283 -18.24 10.16 -29.21
CA TYR A 283 -16.82 10.27 -28.91
C TYR A 283 -16.59 11.21 -27.73
N VAL A 284 -15.69 10.81 -26.84
CA VAL A 284 -15.36 11.57 -25.62
C VAL A 284 -13.85 11.75 -25.50
N ASN A 285 -13.40 12.96 -25.14
CA ASN A 285 -11.98 13.21 -24.94
C ASN A 285 -11.47 12.66 -23.62
N ALA A 286 -10.20 12.26 -23.59
CA ALA A 286 -9.53 11.96 -22.32
C ALA A 286 -9.25 13.27 -21.59
N ILE A 287 -9.12 13.20 -20.28
CA ILE A 287 -8.75 14.37 -19.49
C ILE A 287 -7.24 14.60 -19.69
N ARG A 288 -6.79 15.85 -19.61
CA ARG A 288 -5.36 16.07 -19.73
C ARG A 288 -4.68 15.83 -18.38
N ILE A 289 -3.51 15.21 -18.43
CA ILE A 289 -2.86 14.66 -17.24
C ILE A 289 -1.55 15.39 -16.94
N ARG A 290 -1.27 15.63 -15.66
CA ARG A 290 0.06 16.08 -15.24
C ARG A 290 1.11 15.06 -15.66
N GLU A 291 0.93 13.83 -15.17
CA GLU A 291 1.83 12.72 -15.45
C GLU A 291 1.12 11.39 -15.18
N VAL A 292 1.32 10.40 -16.05
CA VAL A 292 0.77 9.06 -15.81
C VAL A 292 1.66 8.30 -14.81
N VAL A 293 1.15 8.14 -13.59
CA VAL A 293 1.87 7.49 -12.51
C VAL A 293 1.76 5.95 -12.58
N ASP A 294 0.54 5.46 -12.78
CA ASP A 294 0.28 4.02 -12.73
C ASP A 294 -1.08 3.80 -13.36
N THR A 295 -1.12 3.11 -14.51
CA THR A 295 -2.38 2.95 -15.23
C THR A 295 -3.29 1.88 -14.62
N THR A 296 -2.83 1.18 -13.57
CA THR A 296 -3.66 0.15 -12.92
C THR A 296 -5.02 0.72 -12.52
N GLY A 297 -6.09 0.06 -12.96
CA GLY A 297 -7.44 0.46 -12.58
C GLY A 297 -8.14 1.37 -13.59
N ALA A 298 -7.43 1.83 -14.63
CA ALA A 298 -8.01 2.80 -15.56
C ALA A 298 -9.32 2.31 -16.15
N GLY A 299 -9.29 1.11 -16.74
CA GLY A 299 -10.47 0.55 -17.37
C GLY A 299 -11.57 0.31 -16.33
N ASP A 300 -11.16 -0.10 -15.11
CA ASP A 300 -12.12 -0.41 -14.08
C ASP A 300 -12.89 0.83 -13.64
N LEU A 301 -12.17 1.94 -13.51
CA LEU A 301 -12.79 3.21 -13.10
C LEU A 301 -13.53 3.90 -14.23
N PHE A 302 -13.10 3.72 -15.50
CA PHE A 302 -13.94 4.11 -16.63
C PHE A 302 -15.31 3.45 -16.51
N ALA A 303 -15.32 2.14 -16.21
CA ALA A 303 -16.59 1.45 -16.02
C ALA A 303 -17.41 2.01 -14.81
N SER A 304 -16.74 2.32 -13.71
CA SER A 304 -17.42 2.98 -12.57
C SER A 304 -18.14 4.24 -13.00
N GLY A 305 -17.41 5.12 -13.68
CA GLY A 305 -18.00 6.39 -14.11
C GLY A 305 -19.14 6.20 -15.09
N PHE A 306 -18.90 5.35 -16.08
CA PHE A 306 -19.92 5.07 -17.06
C PHE A 306 -21.19 4.49 -16.43
N LEU A 307 -21.01 3.50 -15.57
CA LEU A 307 -22.16 2.80 -14.98
C LEU A 307 -22.88 3.66 -13.93
N TYR A 308 -22.12 4.49 -13.20
CA TYR A 308 -22.74 5.48 -12.33
C TYR A 308 -23.64 6.43 -13.18
N GLY A 309 -23.10 6.99 -14.25
CA GLY A 309 -23.91 7.85 -15.10
C GLY A 309 -25.13 7.16 -15.69
N TYR A 310 -24.92 5.92 -16.14
CA TYR A 310 -25.96 5.15 -16.82
C TYR A 310 -27.18 4.91 -15.90
N THR A 311 -26.88 4.54 -14.66
CA THR A 311 -27.91 4.23 -13.67
C THR A 311 -28.50 5.49 -13.02
N GLN A 312 -27.97 6.66 -13.37
CA GLN A 312 -28.54 7.95 -12.97
C GLN A 312 -29.32 8.57 -14.10
N GLY A 313 -29.45 7.84 -15.21
CA GLY A 313 -30.25 8.28 -16.37
C GLY A 313 -29.56 9.32 -17.25
N ARG A 314 -28.24 9.41 -17.15
CA ARG A 314 -27.48 10.37 -17.95
C ARG A 314 -27.34 9.94 -19.41
N SER A 315 -27.10 10.91 -20.30
CA SER A 315 -26.87 10.60 -21.71
C SER A 315 -25.64 9.71 -21.86
N LEU A 316 -25.56 8.98 -22.97
CA LEU A 316 -24.38 8.13 -23.23
C LEU A 316 -23.08 8.97 -23.29
N GLU A 317 -23.14 10.15 -23.89
CA GLU A 317 -21.96 11.03 -23.87
C GLU A 317 -21.52 11.39 -22.45
N ASP A 318 -22.47 11.77 -21.60
CA ASP A 318 -22.15 12.11 -20.23
C ASP A 318 -21.62 10.93 -19.42
N CYS A 319 -22.13 9.73 -19.72
CA CYS A 319 -21.60 8.50 -19.09
C CYS A 319 -20.14 8.33 -19.47
N GLY A 320 -19.85 8.48 -20.77
CA GLY A 320 -18.47 8.48 -21.25
C GLY A 320 -17.61 9.56 -20.57
N LYS A 321 -18.14 10.76 -20.39
CA LYS A 321 -17.40 11.80 -19.69
C LYS A 321 -17.10 11.44 -18.23
N LEU A 322 -18.08 10.86 -17.52
CA LEU A 322 -17.89 10.42 -16.14
C LEU A 322 -16.86 9.30 -16.06
N GLY A 323 -16.92 8.38 -17.02
CA GLY A 323 -15.91 7.33 -17.13
C GLY A 323 -14.50 7.86 -17.31
N CYS A 324 -14.33 8.79 -18.25
CA CYS A 324 -12.99 9.35 -18.51
C CYS A 324 -12.46 10.17 -17.32
N LEU A 325 -13.35 10.85 -16.62
CA LEU A 325 -12.95 11.58 -15.44
C LEU A 325 -12.39 10.64 -14.39
N ALA A 326 -13.14 9.58 -14.10
CA ALA A 326 -12.70 8.64 -13.06
C ALA A 326 -11.41 7.92 -13.46
N ALA A 327 -11.29 7.52 -14.72
CA ALA A 327 -10.07 6.87 -15.20
C ALA A 327 -8.88 7.80 -15.14
N GLY A 328 -9.09 9.07 -15.48
CA GLY A 328 -7.98 10.03 -15.45
C GLY A 328 -7.47 10.24 -14.04
N ILE A 329 -8.38 10.25 -13.08
CA ILE A 329 -8.00 10.37 -11.67
C ILE A 329 -7.18 9.16 -11.20
N VAL A 330 -7.66 7.96 -11.46
CA VAL A 330 -6.99 6.80 -10.90
C VAL A 330 -5.56 6.59 -11.43
N ILE A 331 -5.29 7.03 -12.66
CA ILE A 331 -3.97 6.81 -13.28
C ILE A 331 -2.92 7.80 -12.74
N GLN A 332 -3.37 8.80 -11.98
CA GLN A 332 -2.47 9.79 -11.40
C GLN A 332 -2.05 9.43 -9.97
N GLN A 333 -2.39 8.23 -9.52
CA GLN A 333 -1.96 7.75 -8.21
C GLN A 333 -1.47 6.31 -8.32
N ILE A 334 -0.70 5.88 -7.34
CA ILE A 334 -0.34 4.48 -7.18
C ILE A 334 -1.55 3.76 -6.56
N GLY A 335 -1.90 2.61 -7.12
CA GLY A 335 -2.98 1.79 -6.56
C GLY A 335 -4.29 1.94 -7.31
N PRO A 336 -5.12 0.90 -7.29
CA PRO A 336 -6.17 0.84 -8.31
C PRO A 336 -7.50 1.48 -7.94
N ARG A 337 -7.63 1.98 -6.72
CA ARG A 337 -8.88 2.59 -6.29
C ARG A 337 -8.63 4.03 -5.85
N PRO A 338 -9.34 5.01 -6.45
CA PRO A 338 -9.06 6.41 -6.13
C PRO A 338 -9.12 6.68 -4.64
N THR A 340 -9.03 9.74 -3.48
CA THR A 340 -9.73 11.02 -3.39
C THR A 340 -11.21 10.83 -3.70
N SER A 341 -11.99 11.88 -3.48
CA SER A 341 -13.42 11.84 -3.74
C SER A 341 -13.76 12.06 -5.21
N LEU A 342 -14.35 11.02 -5.82
CA LEU A 342 -14.77 11.11 -7.20
C LEU A 342 -16.02 11.95 -7.33
N SER A 343 -16.92 11.89 -6.33
CA SER A 343 -18.10 12.73 -6.35
C SER A 343 -17.73 14.22 -6.33
N GLU A 344 -16.75 14.57 -5.50
CA GLU A 344 -16.27 15.95 -5.46
C GLU A 344 -15.70 16.37 -6.81
N ALA A 345 -14.91 15.48 -7.42
CA ALA A 345 -14.32 15.78 -8.72
C ALA A 345 -15.41 15.95 -9.78
N ALA A 346 -16.42 15.09 -9.74
CA ALA A 346 -17.54 15.14 -10.70
C ALA A 346 -18.35 16.43 -10.56
N LYS A 347 -18.59 16.86 -9.32
CA LYS A 347 -19.28 18.13 -9.04
C LYS A 347 -18.50 19.30 -9.63
N GLN A 348 -17.20 19.32 -9.39
CA GLN A 348 -16.31 20.38 -9.90
C GLN A 348 -16.34 20.42 -11.43
N ALA A 349 -16.51 19.25 -12.03
CA ALA A 349 -16.53 19.10 -13.49
C ALA A 349 -17.91 19.41 -14.09
N GLY A 350 -18.86 19.78 -13.25
CA GLY A 350 -20.23 20.00 -13.71
C GLY A 350 -20.91 18.75 -14.22
N LEU A 351 -20.41 17.57 -13.84
CA LEU A 351 -21.02 16.31 -14.21
C LEU A 351 -22.00 15.89 -13.12
N ILE A 352 -21.70 16.27 -11.88
CA ILE A 352 -22.60 16.15 -10.72
C ILE A 352 -23.07 14.72 -10.48
N THR B 24 34.33 -5.15 8.59
CA THR B 24 33.19 -5.64 9.37
C THR B 24 32.09 -6.05 8.38
N ARG B 25 31.04 -6.74 8.84
CA ARG B 25 30.00 -7.20 7.89
C ARG B 25 28.86 -6.19 7.67
N PHE B 26 28.58 -5.38 8.68
CA PHE B 26 27.45 -4.45 8.65
C PHE B 26 27.84 -3.07 9.15
N ASP B 27 27.27 -2.05 8.53
CA ASP B 27 27.39 -0.69 9.04
C ASP B 27 26.44 -0.45 10.18
N VAL B 28 25.18 -0.86 10.01
CA VAL B 28 24.16 -0.61 11.00
C VAL B 28 23.25 -1.83 11.19
N LEU B 29 23.21 -2.33 12.42
CA LEU B 29 22.19 -3.26 12.86
C LEU B 29 21.11 -2.41 13.53
N THR B 30 19.85 -2.63 13.16
CA THR B 30 18.76 -2.01 13.93
C THR B 30 17.88 -3.08 14.58
N VAL B 31 17.24 -2.72 15.68
CA VAL B 31 16.40 -3.68 16.45
C VAL B 31 15.13 -2.92 16.82
N GLY B 32 13.98 -3.50 16.51
CA GLY B 32 12.73 -2.82 16.76
C GLY B 32 11.54 -3.76 16.70
N ASN B 33 10.37 -3.18 16.94
CA ASN B 33 9.10 -3.83 16.72
C ASN B 33 8.81 -3.99 15.25
N ALA B 34 8.69 -5.22 14.78
CA ALA B 34 8.40 -5.50 13.36
C ALA B 34 6.90 -5.35 13.10
N ILE B 35 6.53 -4.37 12.28
CA ILE B 35 5.14 -3.94 12.15
C ILE B 35 4.81 -3.73 10.70
N VAL B 36 3.59 -4.09 10.29
CA VAL B 36 3.06 -3.68 8.99
C VAL B 36 2.08 -2.54 9.22
N ASP B 37 2.22 -1.47 8.45
CA ASP B 37 1.35 -0.32 8.58
C ASP B 37 0.12 -0.47 7.71
N ILE B 38 -0.99 0.03 8.25
CA ILE B 38 -2.28 0.11 7.56
C ILE B 38 -2.63 1.60 7.60
N ILE B 39 -2.67 2.21 6.42
CA ILE B 39 -2.61 3.68 6.28
C ILE B 39 -3.86 4.22 5.62
N SER B 40 -4.42 5.27 6.23
CA SER B 40 -5.57 5.97 5.69
C SER B 40 -5.50 7.47 6.01
N ARG B 41 -6.12 8.29 5.18
CA ARG B 41 -6.34 9.69 5.49
C ARG B 41 -7.59 9.82 6.37
N CYS B 42 -7.62 10.78 7.28
CA CYS B 42 -8.83 11.07 8.06
C CYS B 42 -8.94 12.57 8.26
N ASN B 43 -10.12 13.02 8.68
CA ASN B 43 -10.28 14.42 9.12
C ASN B 43 -9.88 14.60 10.58
N ASP B 44 -9.73 15.84 11.02
CA ASP B 44 -9.30 16.15 12.38
C ASP B 44 -10.29 15.61 13.42
N GLN B 45 -11.58 15.70 13.10
CA GLN B 45 -12.61 15.26 14.02
C GLN B 45 -12.58 13.75 14.27
N PHE B 46 -12.09 12.99 13.29
CA PHE B 46 -11.99 11.54 13.45
C PHE B 46 -11.13 11.18 14.67
N LEU B 47 -10.01 11.89 14.81
CA LEU B 47 -9.11 11.65 15.92
C LEU B 47 -9.78 11.94 17.26
N ILE B 48 -10.54 13.03 17.33
CA ILE B 48 -11.22 13.45 18.55
C ILE B 48 -12.30 12.43 18.89
N ASP B 49 -13.11 12.07 17.89
CA ASP B 49 -14.22 11.16 18.09
C ASP B 49 -13.77 9.79 18.60
N ASN B 50 -12.56 9.40 18.23
CA ASN B 50 -12.03 8.09 18.56
C ASN B 50 -10.97 8.09 19.65
N GLN B 51 -10.75 9.28 20.24
CA GLN B 51 -9.86 9.43 21.38
C GLN B 51 -8.45 8.95 21.02
N ILE B 52 -8.03 9.30 19.80
CA ILE B 52 -6.68 9.00 19.31
C ILE B 52 -5.78 10.20 19.55
N THR B 53 -4.67 9.99 20.25
CA THR B 53 -3.77 11.09 20.55
C THR B 53 -3.03 11.46 19.26
N LYS B 54 -3.24 12.70 18.81
CA LYS B 54 -2.65 13.16 17.55
C LYS B 54 -1.11 13.17 17.61
N ALA B 55 -0.50 12.65 16.54
CA ALA B 55 0.95 12.68 16.36
C ALA B 55 1.70 11.71 17.25
N ALA B 56 0.96 10.89 17.98
CA ALA B 56 1.55 9.94 18.91
C ALA B 56 1.41 8.49 18.46
N ASN B 58 -0.03 5.26 19.76
CA ASN B 58 -1.04 4.83 20.71
C ASN B 58 -1.10 3.30 20.75
N LEU B 59 -0.72 2.69 21.86
CA LEU B 59 -0.81 1.23 21.99
C LEU B 59 -2.26 0.80 22.18
N ILE B 60 -2.62 -0.28 21.49
CA ILE B 60 -3.98 -0.80 21.55
C ILE B 60 -3.98 -2.33 21.66
N ASP B 61 -5.04 -2.87 22.27
CA ASP B 61 -5.24 -4.31 22.33
C ASP B 61 -6.01 -4.80 21.12
N ALA B 62 -6.23 -6.11 21.06
CA ALA B 62 -6.81 -6.73 19.89
C ALA B 62 -8.24 -6.22 19.67
N GLU B 63 -9.01 -6.09 20.76
CA GLU B 63 -10.38 -5.60 20.68
C GLU B 63 -10.46 -4.20 20.10
N ARG B 64 -9.62 -3.31 20.64
CA ARG B 64 -9.57 -1.94 20.13
C ARG B 64 -9.09 -1.92 18.68
N ALA B 65 -8.15 -2.80 18.34
CA ALA B 65 -7.70 -2.89 16.95
C ALA B 65 -8.86 -3.19 16.00
N GLU B 66 -9.72 -4.15 16.34
CA GLU B 66 -10.87 -4.46 15.50
C GLU B 66 -11.85 -3.30 15.46
N LEU B 67 -12.08 -2.65 16.60
CA LEU B 67 -12.98 -1.49 16.65
C LEU B 67 -12.49 -0.37 15.75
N LEU B 68 -11.23 0.02 15.90
CA LEU B 68 -10.71 1.12 15.08
C LEU B 68 -10.73 0.75 13.61
N TYR B 69 -10.36 -0.49 13.29
CA TYR B 69 -10.34 -0.90 11.88
C TYR B 69 -11.73 -0.81 11.26
N SER B 70 -12.77 -1.14 12.03
CA SER B 70 -14.15 -1.06 11.54
C SER B 70 -14.55 0.37 11.17
N ARG B 71 -13.87 1.36 11.75
CA ARG B 71 -14.16 2.76 11.50
C ARG B 71 -13.23 3.40 10.49
N GLY B 73 -11.36 3.98 6.91
CA GLY B 73 -11.71 3.87 5.51
C GLY B 73 -10.87 2.83 4.77
N PRO B 74 -11.07 2.72 3.46
CA PRO B 74 -10.18 1.88 2.63
C PRO B 74 -8.73 2.29 2.88
N ALA B 75 -7.85 1.30 3.01
CA ALA B 75 -6.48 1.57 3.41
C ALA B 75 -5.46 0.98 2.44
N LEU B 76 -4.20 1.36 2.69
CA LEU B 76 -3.02 0.87 1.99
CA LEU B 76 -3.07 0.76 1.99
C LEU B 76 -2.12 0.17 3.02
N GLU B 77 -1.46 -0.92 2.64
CA GLU B 77 -0.52 -1.56 3.57
C GLU B 77 0.90 -1.41 3.07
N ALA B 78 1.79 -1.22 4.03
CA ALA B 78 3.20 -1.10 3.73
C ALA B 78 3.98 -1.50 4.95
N SER B 79 5.05 -2.25 4.74
CA SER B 79 5.95 -2.56 5.84
C SER B 79 6.40 -1.32 6.57
N GLY B 80 6.40 -1.43 7.90
CA GLY B 80 6.77 -0.33 8.79
C GLY B 80 7.73 -0.75 9.89
N GLY B 81 7.50 -0.22 11.08
CA GLY B 81 8.38 -0.49 12.22
C GLY B 81 9.50 0.53 12.15
N SER B 82 9.63 1.34 13.19
CA SER B 82 10.58 2.45 13.16
CA SER B 82 10.60 2.45 13.17
C SER B 82 12.01 2.02 12.77
N ALA B 83 12.58 1.08 13.51
CA ALA B 83 13.93 0.58 13.23
C ALA B 83 13.97 -0.16 11.91
N GLY B 84 12.88 -0.81 11.53
CA GLY B 84 12.80 -1.52 10.24
C GLY B 84 12.97 -0.51 9.11
N ASN B 85 12.20 0.58 9.22
CA ASN B 85 12.33 1.71 8.27
C ASN B 85 13.75 2.26 8.24
N THR B 86 14.35 2.43 9.40
CA THR B 86 15.73 2.91 9.48
C THR B 86 16.72 1.99 8.77
N ALA B 87 16.59 0.68 9.00
CA ALA B 87 17.48 -0.28 8.33
C ALA B 87 17.29 -0.20 6.82
N ALA B 88 16.04 -0.14 6.37
CA ALA B 88 15.73 -0.06 4.94
C ALA B 88 16.34 1.20 4.34
N GLY B 89 16.27 2.30 5.07
CA GLY B 89 16.87 3.54 4.64
C GLY B 89 18.38 3.47 4.46
N VAL B 90 19.07 2.83 5.41
CA VAL B 90 20.51 2.68 5.30
C VAL B 90 20.86 1.85 4.07
N ALA B 91 20.14 0.73 3.85
CA ALA B 91 20.38 -0.09 2.65
C ALA B 91 20.12 0.71 1.36
N ASN B 92 19.02 1.44 1.34
CA ASN B 92 18.66 2.29 0.19
C ASN B 92 19.82 3.25 -0.16
N LEU B 93 20.41 3.88 0.86
CA LEU B 93 21.55 4.79 0.65
C LEU B 93 22.84 4.11 0.16
N GLY B 94 22.94 2.79 0.36
CA GLY B 94 24.11 2.06 -0.10
C GLY B 94 24.94 1.50 1.03
N GLY B 95 24.47 1.67 2.26
CA GLY B 95 25.13 1.11 3.43
C GLY B 95 24.70 -0.32 3.64
N LYS B 96 25.43 -0.97 4.53
CA LYS B 96 25.07 -2.35 4.81
CA LYS B 96 25.07 -2.35 4.82
C LYS B 96 24.32 -2.49 6.17
N ALA B 97 23.08 -2.97 6.04
CA ALA B 97 22.18 -3.04 7.19
C ALA B 97 21.76 -4.47 7.57
N ALA B 98 21.44 -4.64 8.86
CA ALA B 98 20.82 -5.87 9.39
C ALA B 98 19.72 -5.44 10.33
N TYR B 99 18.81 -6.38 10.63
CA TYR B 99 17.64 -6.06 11.46
C TYR B 99 17.27 -7.26 12.31
N PHE B 100 16.95 -6.99 13.58
CA PHE B 100 16.27 -7.96 14.46
C PHE B 100 14.86 -7.46 14.74
N GLY B 101 13.87 -8.33 14.53
CA GLY B 101 12.48 -8.03 14.93
C GLY B 101 11.65 -9.28 14.67
N ASN B 102 10.59 -9.45 15.44
CA ASN B 102 9.85 -10.70 15.41
C ASN B 102 8.46 -10.55 14.82
N VAL B 103 8.24 -11.26 13.73
CA VAL B 103 6.92 -11.39 13.13
C VAL B 103 6.27 -12.77 13.43
N ALA B 104 5.00 -12.91 13.07
CA ALA B 104 4.36 -14.22 13.11
C ALA B 104 4.45 -14.94 11.76
N ALA B 105 4.15 -16.24 11.79
CA ALA B 105 4.10 -17.06 10.59
C ALA B 105 2.73 -16.86 9.95
N ASP B 106 2.55 -15.68 9.35
CA ASP B 106 1.28 -15.34 8.72
C ASP B 106 1.58 -14.43 7.55
N GLN B 107 0.55 -14.00 6.84
CA GLN B 107 0.74 -13.23 5.60
C GLN B 107 1.37 -11.87 5.84
N LEU B 108 0.98 -11.22 6.92
CA LEU B 108 1.61 -9.95 7.29
C LEU B 108 3.09 -10.14 7.59
N GLY B 109 3.43 -11.23 8.26
CA GLY B 109 4.83 -11.52 8.56
C GLY B 109 5.62 -11.82 7.30
N ASP B 110 5.00 -12.55 6.37
CA ASP B 110 5.61 -12.84 5.07
C ASP B 110 5.89 -11.55 4.26
N ILE B 111 4.91 -10.66 4.29
CA ILE B 111 5.06 -9.32 3.67
C ILE B 111 6.23 -8.57 4.31
N PHE B 112 6.25 -8.47 5.63
CA PHE B 112 7.32 -7.78 6.33
C PHE B 112 8.68 -8.38 5.97
N THR B 113 8.77 -9.72 6.03
CA THR B 113 10.03 -10.40 5.74
C THR B 113 10.48 -10.12 4.31
N HIS B 114 9.56 -10.22 3.36
CA HIS B 114 9.90 -9.96 1.98
C HIS B 114 10.43 -8.52 1.80
N ASP B 115 9.71 -7.54 2.33
CA ASP B 115 10.05 -6.14 1.98
C ASP B 115 11.41 -5.74 2.51
N ILE B 116 11.74 -6.19 3.72
CA ILE B 116 13.01 -5.80 4.31
C ILE B 116 14.17 -6.55 3.64
N ARG B 117 14.00 -7.85 3.40
CA ARG B 117 15.04 -8.61 2.69
C ARG B 117 15.22 -8.15 1.23
N ALA B 118 14.13 -7.72 0.58
CA ALA B 118 14.18 -7.30 -0.82
C ALA B 118 14.91 -5.97 -0.95
N GLN B 119 14.96 -5.23 0.16
CA GLN B 119 15.71 -3.97 0.21
C GLN B 119 17.21 -4.22 0.44
N GLY B 120 17.58 -5.46 0.73
CA GLY B 120 18.98 -5.82 0.92
C GLY B 120 19.43 -5.72 2.37
N VAL B 121 18.47 -5.76 3.29
CA VAL B 121 18.73 -5.82 4.73
C VAL B 121 18.85 -7.29 5.16
N HIS B 122 19.91 -7.62 5.90
CA HIS B 122 20.15 -8.95 6.45
C HIS B 122 19.13 -9.20 7.57
N TYR B 123 18.14 -10.05 7.31
CA TYR B 123 17.06 -10.28 8.26
C TYR B 123 16.75 -11.76 8.34
N GLN B 124 16.91 -12.31 9.54
CA GLN B 124 16.69 -13.74 9.69
CA GLN B 124 16.89 -13.74 9.81
C GLN B 124 16.02 -14.16 10.97
N THR B 125 15.41 -13.20 11.68
CA THR B 125 14.65 -13.53 12.90
C THR B 125 13.48 -14.46 12.56
N LYS B 126 13.44 -15.64 13.18
CA LYS B 126 12.44 -16.66 12.84
C LYS B 126 11.15 -16.47 13.63
N PRO B 127 9.98 -16.60 12.95
CA PRO B 127 8.72 -16.54 13.70
C PRO B 127 8.60 -17.73 14.65
N LYS B 128 7.88 -17.53 15.75
CA LYS B 128 7.72 -18.57 16.76
C LYS B 128 6.42 -19.31 16.61
N GLY B 129 5.53 -18.80 15.77
CA GLY B 129 4.23 -19.42 15.54
C GLY B 129 3.31 -18.42 14.87
N ALA B 130 2.04 -18.76 14.78
CA ALA B 130 1.07 -17.88 14.11
C ALA B 130 0.33 -16.96 15.05
N PHE B 131 0.35 -17.25 16.36
CA PHE B 131 -0.31 -16.39 17.33
C PHE B 131 0.64 -16.05 18.48
N PRO B 132 0.69 -14.76 18.91
CA PRO B 132 -0.07 -13.62 18.39
C PRO B 132 0.36 -13.33 16.95
N PRO B 133 -0.55 -12.73 16.17
CA PRO B 133 -0.25 -12.45 14.78
C PRO B 133 0.75 -11.31 14.68
N THR B 134 1.23 -11.09 13.47
CA THR B 134 2.19 -10.02 13.22
C THR B 134 1.63 -8.66 13.62
N ALA B 135 2.47 -7.83 14.21
CA ALA B 135 2.07 -6.48 14.62
C ALA B 135 1.62 -5.65 13.44
N ARG B 136 0.65 -4.79 13.72
CA ARG B 136 0.20 -3.84 12.73
C ARG B 136 -0.11 -2.53 13.42
N SER B 137 0.01 -1.44 12.66
CA SER B 137 -0.28 -0.11 13.17
C SER B 137 -1.23 0.58 12.19
N ILE B 139 -2.47 3.76 10.92
CA ILE B 139 -1.91 5.09 10.92
C ILE B 139 -2.85 6.00 10.15
N PHE B 140 -3.31 7.04 10.84
CA PHE B 140 -4.27 8.00 10.30
C PHE B 140 -3.52 9.29 10.02
N VAL B 141 -3.57 9.70 8.76
CA VAL B 141 -2.85 10.89 8.30
C VAL B 141 -3.86 12.00 8.07
N THR B 142 -3.68 13.09 8.80
CA THR B 142 -4.59 14.22 8.71
C THR B 142 -4.10 15.15 7.60
N GLU B 143 -4.90 16.17 7.27
CA GLU B 143 -4.64 17.02 6.09
C GLU B 143 -3.32 17.77 6.15
N ASP B 144 -2.88 18.08 7.37
CA ASP B 144 -1.59 18.69 7.62
C ASP B 144 -0.40 17.73 7.44
N GLY B 145 -0.68 16.46 7.15
CA GLY B 145 0.37 15.46 6.94
C GLY B 145 0.90 14.82 8.22
N GLU B 146 0.38 15.27 9.36
CA GLU B 146 0.68 14.59 10.64
C GLU B 146 0.10 13.20 10.64
N ARG B 147 0.81 12.32 11.32
CA ARG B 147 0.43 10.90 11.42
CA ARG B 147 0.43 10.89 11.41
C ARG B 147 0.19 10.46 12.89
N SER B 148 -0.92 9.75 13.07
CA SER B 148 -1.29 9.27 14.39
C SER B 148 -1.45 7.77 14.31
N ASN B 150 -1.76 3.75 15.74
CA ASN B 150 -2.50 2.93 16.69
C ASN B 150 -2.02 1.50 16.51
N THR B 151 -1.19 1.04 17.44
CA THR B 151 -0.36 -0.14 17.23
C THR B 151 -0.73 -1.30 18.14
N TYR B 152 -1.07 -2.43 17.50
CA TYR B 152 -1.28 -3.68 18.23
C TYR B 152 0.02 -4.47 18.05
N LEU B 153 0.71 -4.71 19.17
CA LEU B 153 2.06 -5.28 19.12
C LEU B 153 2.14 -6.75 18.67
N GLY B 154 1.07 -7.52 18.90
CA GLY B 154 1.04 -8.91 18.40
C GLY B 154 2.33 -9.66 18.74
N ALA B 155 2.93 -10.24 17.71
CA ALA B 155 4.11 -11.10 17.84
C ALA B 155 5.34 -10.37 18.40
N CYS B 156 5.33 -9.04 18.36
CA CYS B 156 6.45 -8.28 18.90
C CYS B 156 6.69 -8.54 20.39
N VAL B 157 5.65 -8.97 21.12
CA VAL B 157 5.82 -9.29 22.53
C VAL B 157 6.74 -10.50 22.76
N GLU B 158 6.99 -11.30 21.72
CA GLU B 158 7.86 -12.47 21.86
C GLU B 158 9.35 -12.20 21.61
N LEU B 159 9.72 -10.99 21.21
CA LEU B 159 11.14 -10.72 20.97
C LEU B 159 11.90 -10.77 22.28
N GLY B 160 12.99 -11.53 22.29
CA GLY B 160 13.75 -11.71 23.51
C GLY B 160 15.22 -11.96 23.26
N PRO B 161 15.98 -12.25 24.32
CA PRO B 161 17.41 -12.52 24.20
C PRO B 161 17.73 -13.65 23.20
N GLU B 162 16.82 -14.60 23.05
CA GLU B 162 16.98 -15.70 22.09
C GLU B 162 17.13 -15.21 20.63
N ASP B 163 16.73 -13.97 20.38
CA ASP B 163 16.72 -13.41 19.03
C ASP B 163 17.95 -12.59 18.72
N VAL B 164 18.87 -12.52 19.67
CA VAL B 164 20.09 -11.78 19.42
C VAL B 164 21.06 -12.66 18.66
N GLU B 165 21.39 -12.27 17.41
CA GLU B 165 22.41 -12.95 16.64
C GLU B 165 23.74 -12.31 17.04
N ALA B 166 24.45 -12.95 17.97
CA ALA B 166 25.63 -12.30 18.56
C ALA B 166 26.73 -11.95 17.54
N ASP B 167 26.87 -12.80 16.53
CA ASP B 167 27.86 -12.58 15.46
C ASP B 167 27.51 -11.32 14.69
N VAL B 168 26.21 -11.05 14.53
CA VAL B 168 25.77 -9.85 13.80
C VAL B 168 26.06 -8.59 14.60
N VAL B 169 25.75 -8.60 15.90
CA VAL B 169 26.06 -7.45 16.76
C VAL B 169 27.58 -7.19 16.78
N ALA B 170 28.37 -8.25 16.94
CA ALA B 170 29.82 -8.13 16.98
C ALA B 170 30.39 -7.55 15.69
N ASP B 171 29.69 -7.83 14.58
CA ASP B 171 30.18 -7.42 13.26
C ASP B 171 29.50 -6.17 12.70
N ALA B 172 28.81 -5.41 13.54
CA ALA B 172 28.13 -4.19 13.08
C ALA B 172 28.76 -2.94 13.71
N LYS B 173 29.06 -1.96 12.88
CA LYS B 173 29.69 -0.72 13.36
C LYS B 173 28.82 -0.03 14.41
N VAL B 174 27.51 0.05 14.15
CA VAL B 174 26.55 0.63 15.09
C VAL B 174 25.37 -0.34 15.24
N THR B 175 24.92 -0.52 16.48
CA THR B 175 23.65 -1.16 16.73
C THR B 175 22.71 -0.11 17.28
N TYR B 176 21.58 0.07 16.60
CA TYR B 176 20.57 1.11 16.87
C TYR B 176 19.25 0.46 17.27
N PHE B 177 18.61 0.98 18.30
CA PHE B 177 17.34 0.41 18.74
C PHE B 177 16.28 1.43 19.11
N GLU B 178 15.03 0.99 19.13
CA GLU B 178 13.90 1.83 19.49
C GLU B 178 13.65 1.92 20.98
N GLY B 179 13.40 3.12 21.49
CA GLY B 179 12.79 3.29 22.80
C GLY B 179 11.47 2.52 22.90
N TYR B 180 10.79 2.36 21.77
CA TYR B 180 9.54 1.62 21.68
C TYR B 180 9.71 0.20 22.17
N LEU B 181 10.93 -0.35 22.16
CA LEU B 181 11.14 -1.73 22.65
C LEU B 181 10.91 -1.89 24.15
N TRP B 182 10.76 -0.79 24.88
CA TRP B 182 10.54 -0.87 26.33
C TRP B 182 9.09 -1.29 26.66
N ASP B 183 8.17 -1.20 25.69
CA ASP B 183 6.78 -1.60 25.89
C ASP B 183 6.59 -3.14 25.97
N PRO B 184 7.09 -3.90 24.96
CA PRO B 184 6.99 -5.37 25.12
C PRO B 184 7.83 -5.88 26.28
N PRO B 185 7.55 -7.10 26.76
CA PRO B 185 8.12 -7.42 28.07
C PRO B 185 9.62 -7.73 28.11
N ARG B 186 10.14 -8.38 27.07
CA ARG B 186 11.46 -8.98 27.18
C ARG B 186 12.46 -8.41 26.19
N ALA B 187 11.99 -7.51 25.34
CA ALA B 187 12.89 -6.92 24.35
C ALA B 187 14.08 -6.20 24.98
N LYS B 188 13.85 -5.55 26.14
CA LYS B 188 14.95 -4.86 26.83
C LYS B 188 16.11 -5.80 27.19
N GLU B 189 15.80 -7.05 27.50
CA GLU B 189 16.85 -8.00 27.82
C GLU B 189 17.72 -8.24 26.60
N ALA B 190 17.10 -8.37 25.42
CA ALA B 190 17.86 -8.49 24.18
C ALA B 190 18.77 -7.28 23.94
N ILE B 191 18.24 -6.09 24.20
CA ILE B 191 19.00 -4.87 24.04
C ILE B 191 20.19 -4.78 24.99
N LEU B 192 20.01 -5.15 26.25
CA LEU B 192 21.14 -5.17 27.18
C LEU B 192 22.23 -6.15 26.71
N ASP B 193 21.82 -7.30 26.19
CA ASP B 193 22.77 -8.25 25.61
C ASP B 193 23.50 -7.61 24.42
N CYS B 194 22.75 -6.91 23.55
CA CYS B 194 23.36 -6.26 22.41
C CYS B 194 24.39 -5.23 22.83
N ALA B 195 24.06 -4.43 23.84
CA ALA B 195 24.97 -3.38 24.31
C ALA B 195 26.28 -3.97 24.82
N ARG B 196 26.17 -5.09 25.54
CA ARG B 196 27.35 -5.77 26.06
C ARG B 196 28.24 -6.26 24.91
N ILE B 197 27.65 -7.00 23.97
CA ILE B 197 28.40 -7.55 22.83
C ILE B 197 29.00 -6.43 21.97
N ALA B 198 28.19 -5.42 21.62
CA ALA B 198 28.68 -4.29 20.83
C ALA B 198 29.89 -3.63 21.48
N HIS B 199 29.77 -3.31 22.77
CA HIS B 199 30.86 -2.62 23.45
C HIS B 199 32.12 -3.48 23.64
N GLN B 200 31.94 -4.78 23.87
CA GLN B 200 33.08 -5.68 23.98
C GLN B 200 33.85 -5.82 22.67
N HIS B 201 33.18 -5.53 21.55
CA HIS B 201 33.80 -5.60 20.24
C HIS B 201 34.15 -4.23 19.68
N GLY B 202 34.13 -3.23 20.56
CA GLY B 202 34.51 -1.86 20.17
C GLY B 202 33.54 -1.15 19.24
N ARG B 203 32.28 -1.58 19.22
CA ARG B 203 31.28 -0.93 18.37
C ARG B 203 30.54 0.14 19.16
N GLU B 204 29.63 0.84 18.49
CA GLU B 204 28.83 1.85 19.16
C GLU B 204 27.37 1.46 19.23
N SER B 206 23.34 2.93 19.70
CA SER B 206 22.53 4.11 19.43
C SER B 206 21.08 3.82 19.74
N THR B 208 16.87 5.63 19.59
CA THR B 208 15.95 6.73 19.39
C THR B 208 14.96 6.76 20.53
N LEU B 209 14.62 7.96 20.98
CA LEU B 209 13.63 8.15 22.04
C LEU B 209 12.20 7.80 21.59
N SER B 210 11.99 7.66 20.28
CA SER B 210 10.78 7.13 19.66
C SER B 210 9.52 8.00 19.68
N ASP B 211 9.09 8.43 20.86
CA ASP B 211 7.79 9.07 21.01
C ASP B 211 7.75 9.71 22.38
N SER B 212 7.15 10.89 22.48
CA SER B 212 7.18 11.65 23.73
C SER B 212 6.42 10.95 24.87
N PHE B 213 5.37 10.19 24.55
CA PHE B 213 4.68 9.38 25.57
C PHE B 213 5.48 8.14 25.95
N CYS B 214 6.17 7.54 24.98
CA CYS B 214 7.11 6.46 25.27
C CYS B 214 8.19 6.93 26.26
N VAL B 215 8.75 8.10 26.01
CA VAL B 215 9.73 8.70 26.92
C VAL B 215 9.09 8.91 28.29
N ASP B 216 7.84 9.36 28.33
CA ASP B 216 7.16 9.55 29.59
C ASP B 216 7.00 8.24 30.37
N ARG B 217 6.80 7.14 29.64
CA ARG B 217 6.65 5.82 30.31
C ARG B 217 7.98 5.33 30.87
N TYR B 218 9.08 5.63 30.19
CA TYR B 218 10.39 5.02 30.50
C TYR B 218 11.51 6.06 30.71
N ARG B 219 11.13 7.23 31.23
CA ARG B 219 12.06 8.35 31.33
C ARG B 219 13.33 8.00 32.12
N GLY B 220 13.16 7.40 33.29
CA GLY B 220 14.31 7.04 34.14
C GLY B 220 15.16 5.94 33.53
N GLU B 221 14.51 4.96 32.90
CA GLU B 221 15.25 3.91 32.23
C GLU B 221 16.07 4.46 31.07
N PHE B 222 15.48 5.39 30.31
CA PHE B 222 16.19 5.95 29.17
C PHE B 222 17.40 6.77 29.62
N LEU B 223 17.21 7.62 30.62
CA LEU B 223 18.35 8.38 31.18
C LEU B 223 19.44 7.45 31.68
N ASP B 224 19.05 6.33 32.30
CA ASP B 224 20.05 5.40 32.78
C ASP B 224 20.82 4.70 31.65
N LEU B 225 20.13 4.42 30.54
CA LEU B 225 20.82 3.86 29.37
C LEU B 225 21.95 4.78 28.92
N ARG B 227 23.33 7.59 30.71
CA ARG B 227 24.32 7.88 31.74
C ARG B 227 25.25 6.73 32.07
N SER B 228 24.77 5.49 31.93
CA SER B 228 25.61 4.32 32.19
C SER B 228 26.51 3.96 30.99
N GLY B 229 26.32 4.65 29.87
CA GLY B 229 27.13 4.41 28.69
C GLY B 229 26.70 3.22 27.83
N LYS B 230 25.51 2.68 28.07
CA LYS B 230 24.97 1.61 27.24
C LYS B 230 24.59 2.13 25.86
N VAL B 231 24.27 3.42 25.80
CA VAL B 231 23.94 4.11 24.57
C VAL B 231 24.95 5.24 24.38
N ASP B 232 25.55 5.28 23.18
CA ASP B 232 26.51 6.32 22.81
C ASP B 232 25.90 7.45 22.00
N ILE B 233 24.97 7.12 21.11
CA ILE B 233 24.40 8.13 20.22
C ILE B 233 22.88 8.10 20.36
N VAL B 234 22.29 9.24 20.70
CA VAL B 234 20.84 9.33 20.92
CA VAL B 234 20.84 9.31 20.90
C VAL B 234 20.15 10.20 19.87
N PHE B 235 19.03 9.74 19.35
CA PHE B 235 18.18 10.48 18.41
C PHE B 235 16.93 10.92 19.12
N ALA B 236 16.56 12.18 18.94
CA ALA B 236 15.34 12.71 19.53
C ALA B 236 14.75 13.77 18.63
N ASN B 237 13.43 13.97 18.68
CA ASN B 237 12.86 15.22 18.15
C ASN B 237 12.62 16.21 19.30
N ARG B 238 12.15 17.40 18.98
CA ARG B 238 11.90 18.43 20.00
C ARG B 238 11.01 17.90 21.12
N GLN B 239 9.88 17.30 20.75
CA GLN B 239 8.89 16.88 21.74
C GLN B 239 9.47 15.80 22.68
N GLU B 240 10.27 14.89 22.12
CA GLU B 240 10.88 13.84 22.93
C GLU B 240 11.92 14.42 23.89
N ALA B 241 12.72 15.39 23.42
CA ALA B 241 13.73 16.02 24.26
C ALA B 241 13.08 16.77 25.41
N LEU B 242 11.99 17.49 25.12
CA LEU B 242 11.23 18.20 26.13
C LEU B 242 10.62 17.23 27.16
N SER B 243 10.09 16.11 26.68
N SER B 243 10.09 16.11 26.66
CA SER B 243 9.51 15.11 27.56
CA SER B 243 9.52 15.08 27.53
C SER B 243 10.57 14.45 28.44
C SER B 243 10.58 14.46 28.44
N LEU B 244 11.75 14.21 27.88
CA LEU B 244 12.84 13.57 28.62
C LEU B 244 13.21 14.31 29.90
N TYR B 245 13.28 15.64 29.81
CA TYR B 245 13.66 16.47 30.94
C TYR B 245 12.49 17.20 31.60
N GLN B 246 11.28 16.91 31.12
CA GLN B 246 10.05 17.42 31.73
C GLN B 246 10.08 18.94 31.80
N THR B 247 10.35 19.54 30.65
CA THR B 247 10.48 20.98 30.51
C THR B 247 9.88 21.42 29.18
N ASP B 248 9.44 22.68 29.09
CA ASP B 248 9.06 23.22 27.80
C ASP B 248 10.15 24.15 27.24
N ASP B 249 11.26 24.24 27.96
CA ASP B 249 12.42 25.06 27.56
C ASP B 249 13.36 24.21 26.70
N PHE B 250 13.30 24.43 25.38
CA PHE B 250 14.10 23.67 24.44
C PHE B 250 15.61 23.84 24.64
N GLU B 251 16.04 25.08 24.91
CA GLU B 251 17.46 25.29 25.15
C GLU B 251 17.94 24.51 26.36
N GLU B 252 17.11 24.46 27.42
CA GLU B 252 17.45 23.66 28.58
C GLU B 252 17.59 22.17 28.20
N ALA B 253 16.62 21.68 27.42
CA ALA B 253 16.64 20.29 26.99
C ALA B 253 17.90 19.97 26.18
N LEU B 254 18.33 20.88 25.32
CA LEU B 254 19.55 20.62 24.54
C LEU B 254 20.79 20.57 25.43
N ASN B 255 20.86 21.47 26.41
CA ASN B 255 21.98 21.49 27.33
C ASN B 255 22.03 20.19 28.13
N ARG B 256 20.85 19.76 28.59
CA ARG B 256 20.79 18.52 29.39
C ARG B 256 21.14 17.29 28.57
N ILE B 257 20.58 17.15 27.37
CA ILE B 257 20.82 15.94 26.58
C ILE B 257 22.30 15.83 26.17
N ALA B 258 22.94 16.97 25.92
CA ALA B 258 24.36 16.96 25.55
C ALA B 258 25.25 16.48 26.70
N ALA B 259 24.80 16.68 27.93
CA ALA B 259 25.54 16.22 29.11
C ALA B 259 25.34 14.72 29.39
N ASP B 260 24.29 14.13 28.82
CA ASP B 260 23.89 12.75 29.15
C ASP B 260 24.33 11.69 28.16
N CYS B 261 24.78 12.11 26.98
CA CYS B 261 25.20 11.14 25.97
CA CYS B 261 25.13 11.18 25.91
C CYS B 261 26.33 11.71 25.12
N LYS B 262 27.09 10.83 24.51
CA LYS B 262 28.27 11.28 23.74
C LYS B 262 27.90 12.13 22.54
N ILE B 263 26.91 11.68 21.77
CA ILE B 263 26.41 12.43 20.63
C ILE B 263 24.88 12.37 20.68
N ALA B 264 24.26 13.52 20.52
CA ALA B 264 22.80 13.63 20.39
C ALA B 264 22.47 14.26 19.06
N ALA B 265 21.49 13.71 18.37
CA ALA B 265 21.01 14.28 17.13
C ALA B 265 19.55 14.62 17.33
N VAL B 266 19.24 15.92 17.40
CA VAL B 266 17.90 16.38 17.75
C VAL B 266 17.27 17.02 16.53
N THR B 267 16.11 16.53 16.13
CA THR B 267 15.40 17.03 14.96
C THR B 267 14.33 18.02 15.36
N SER B 269 11.79 19.24 12.90
CA SER B 269 10.80 19.28 11.81
C SER B 269 11.23 20.25 10.72
N GLU B 270 10.40 21.25 10.42
CA GLU B 270 10.71 22.22 9.37
C GLU B 270 11.92 23.09 9.69
N ASN B 271 12.40 23.01 10.92
CA ASN B 271 13.57 23.80 11.33
C ASN B 271 14.89 23.03 11.25
N GLY B 272 14.81 21.80 10.74
CA GLY B 272 15.99 20.99 10.45
C GLY B 272 16.40 20.18 11.66
N ALA B 273 17.67 20.30 12.04
CA ALA B 273 18.22 19.50 13.13
C ALA B 273 19.45 20.15 13.77
N VAL B 274 19.80 19.68 14.96
CA VAL B 274 21.03 20.12 15.59
C VAL B 274 21.76 18.89 16.12
N ILE B 275 23.04 18.79 15.82
CA ILE B 275 23.84 17.66 16.31
C ILE B 275 24.73 18.19 17.43
N LEU B 276 24.71 17.51 18.57
CA LEU B 276 25.41 17.90 19.78
C LEU B 276 26.50 16.90 20.10
N LYS B 277 27.70 17.39 20.39
CA LYS B 277 28.80 16.57 20.88
C LYS B 277 29.61 17.38 21.90
N GLY B 278 29.41 17.06 23.18
CA GLY B 278 30.01 17.82 24.26
C GLY B 278 29.51 19.25 24.20
N ARG B 279 30.41 20.17 23.91
CA ARG B 279 30.04 21.57 23.72
C ARG B 279 29.79 21.93 22.26
N GLU B 280 30.20 21.06 21.34
CA GLU B 280 30.03 21.26 19.91
C GLU B 280 28.54 21.24 19.54
N ARG B 281 28.12 22.18 18.68
CA ARG B 281 26.78 22.14 18.09
C ARG B 281 26.82 22.39 16.59
N TYR B 282 26.18 21.50 15.84
CA TYR B 282 26.12 21.62 14.38
C TYR B 282 24.67 21.72 13.93
N TYR B 283 24.29 22.89 13.44
CA TYR B 283 22.93 23.13 12.98
C TYR B 283 22.82 22.84 11.50
N VAL B 284 21.77 22.11 11.14
CA VAL B 284 21.52 21.76 9.73
C VAL B 284 20.11 22.17 9.34
N ASN B 285 19.96 22.73 8.12
CA ASN B 285 18.64 23.13 7.62
C ASN B 285 17.81 21.96 7.08
N ALA B 286 16.49 22.08 7.20
CA ALA B 286 15.58 21.17 6.50
C ALA B 286 15.69 21.45 5.00
N ILE B 287 15.52 20.40 4.19
CA ILE B 287 15.51 20.57 2.74
C ILE B 287 14.20 21.24 2.31
N ARG B 288 14.20 21.87 1.14
CA ARG B 288 12.98 22.42 0.57
C ARG B 288 12.12 21.29 0.02
N ILE B 289 10.82 21.38 0.26
CA ILE B 289 9.90 20.31 -0.12
C ILE B 289 8.72 20.82 -0.94
N ARG B 290 8.09 19.91 -1.68
CA ARG B 290 6.92 20.26 -2.48
C ARG B 290 5.68 20.36 -1.61
N GLU B 291 5.50 19.36 -0.74
CA GLU B 291 4.33 19.26 0.13
C GLU B 291 4.57 18.19 1.17
N VAL B 292 4.07 18.41 2.39
CA VAL B 292 4.08 17.39 3.41
C VAL B 292 2.88 16.47 3.19
N VAL B 293 3.11 15.36 2.50
CA VAL B 293 2.08 14.38 2.19
C VAL B 293 1.79 13.53 3.44
N ASP B 294 2.86 13.04 4.07
CA ASP B 294 2.69 12.10 5.17
C ASP B 294 4.00 12.05 5.94
N THR B 295 3.98 12.52 7.19
CA THR B 295 5.21 12.60 8.00
C THR B 295 5.70 11.26 8.51
N THR B 296 4.93 10.19 8.31
CA THR B 296 5.34 8.89 8.77
C THR B 296 6.72 8.50 8.27
N GLY B 297 7.60 8.13 9.20
CA GLY B 297 8.95 7.75 8.82
C GLY B 297 10.01 8.84 8.90
N ALA B 298 9.61 10.10 9.12
CA ALA B 298 10.57 11.19 9.05
C ALA B 298 11.77 10.98 9.98
N GLY B 299 11.50 10.73 11.26
CA GLY B 299 12.58 10.52 12.22
C GLY B 299 13.37 9.26 11.90
N ASP B 300 12.67 8.21 11.42
CA ASP B 300 13.36 6.97 11.08
C ASP B 300 14.40 7.19 9.99
N LEU B 301 14.00 7.95 8.98
CA LEU B 301 14.87 8.19 7.82
C LEU B 301 15.95 9.24 8.11
N PHE B 302 15.66 10.18 9.02
CA PHE B 302 16.72 11.01 9.55
C PHE B 302 17.83 10.13 10.13
N ALA B 303 17.45 9.14 10.93
CA ALA B 303 18.42 8.24 11.52
C ALA B 303 19.16 7.41 10.45
N SER B 304 18.45 6.97 9.40
CA SER B 304 19.10 6.34 8.26
C SER B 304 20.22 7.18 7.65
N GLY B 305 19.89 8.42 7.30
CA GLY B 305 20.88 9.30 6.69
C GLY B 305 22.04 9.58 7.64
N PHE B 306 21.68 9.88 8.89
CA PHE B 306 22.71 10.17 9.86
C PHE B 306 23.67 9.00 10.04
N LEU B 307 23.11 7.82 10.27
CA LEU B 307 23.93 6.65 10.54
C LEU B 307 24.71 6.12 9.34
N TYR B 308 24.14 6.25 8.14
CA TYR B 308 24.87 5.99 6.90
C TYR B 308 26.10 6.88 6.86
N GLY B 309 25.89 8.18 7.07
CA GLY B 309 27.00 9.12 7.01
C GLY B 309 28.06 8.82 8.07
N TYR B 310 27.59 8.54 9.28
CA TYR B 310 28.44 8.27 10.44
C TYR B 310 29.37 7.07 10.19
N THR B 311 28.79 6.00 9.66
CA THR B 311 29.53 4.78 9.37
C THR B 311 30.36 4.86 8.07
N GLN B 312 30.22 5.95 7.31
CA GLN B 312 31.09 6.22 6.17
C GLN B 312 32.18 7.23 6.53
N GLY B 313 32.29 7.54 7.82
CA GLY B 313 33.34 8.43 8.33
C GLY B 313 33.11 9.91 8.06
N ARG B 314 31.88 10.30 7.76
CA ARG B 314 31.57 11.69 7.43
C ARG B 314 31.50 12.59 8.66
N SER B 315 31.67 13.91 8.48
CA SER B 315 31.55 14.86 9.58
C SER B 315 30.14 14.86 10.19
N LEU B 316 30.02 15.29 11.44
CA LEU B 316 28.72 15.37 12.08
C LEU B 316 27.74 16.25 11.29
N GLU B 317 28.22 17.40 10.81
CA GLU B 317 27.36 18.24 9.99
C GLU B 317 26.84 17.49 8.75
N ASP B 318 27.72 16.75 8.09
CA ASP B 318 27.34 16.05 6.86
C ASP B 318 26.39 14.90 7.18
N CYS B 319 26.59 14.27 8.34
CA CYS B 319 25.65 13.27 8.83
C CYS B 319 24.26 13.87 8.99
N GLY B 320 24.19 15.03 9.64
CA GLY B 320 22.94 15.78 9.77
C GLY B 320 22.32 16.13 8.42
N LYS B 321 23.17 16.59 7.47
CA LYS B 321 22.67 16.92 6.13
C LYS B 321 22.07 15.70 5.43
N LEU B 322 22.74 14.55 5.53
CA LEU B 322 22.22 13.29 4.97
C LEU B 322 20.91 12.81 5.63
N GLY B 323 20.83 13.01 6.93
CA GLY B 323 19.59 12.77 7.70
C GLY B 323 18.44 13.62 7.23
N CYS B 324 18.69 14.93 7.08
CA CYS B 324 17.65 15.86 6.63
C CYS B 324 17.19 15.56 5.20
N LEU B 325 18.13 15.14 4.35
CA LEU B 325 17.76 14.78 2.99
C LEU B 325 16.79 13.61 2.97
N ALA B 326 17.18 12.53 3.65
CA ALA B 326 16.38 11.31 3.68
C ALA B 326 15.02 11.53 4.32
N ALA B 327 14.97 12.30 5.41
CA ALA B 327 13.68 12.62 6.05
C ALA B 327 12.80 13.46 5.15
N GLY B 328 13.40 14.43 4.47
CA GLY B 328 12.67 15.33 3.59
C GLY B 328 12.04 14.59 2.42
N ILE B 329 12.74 13.56 1.93
CA ILE B 329 12.23 12.71 0.87
C ILE B 329 11.05 11.87 1.35
N VAL B 330 11.18 11.26 2.52
CA VAL B 330 10.15 10.32 2.92
C VAL B 330 8.80 10.99 3.23
N ILE B 331 8.83 12.24 3.67
CA ILE B 331 7.58 12.95 4.03
C ILE B 331 6.78 13.45 2.81
N GLN B 332 7.37 13.35 1.62
CA GLN B 332 6.70 13.74 0.38
C GLN B 332 6.03 12.57 -0.35
N GLN B 333 5.91 11.44 0.34
CA GLN B 333 5.24 10.24 -0.17
C GLN B 333 4.35 9.60 0.88
N ILE B 334 3.36 8.86 0.43
CA ILE B 334 2.62 7.97 1.32
C ILE B 334 3.50 6.76 1.64
N GLY B 335 3.57 6.40 2.92
CA GLY B 335 4.28 5.19 3.32
C GLY B 335 5.66 5.50 3.88
N PRO B 336 6.15 4.66 4.79
CA PRO B 336 7.28 5.05 5.62
C PRO B 336 8.68 4.78 5.10
N ARG B 337 8.80 4.11 3.96
CA ARG B 337 10.10 3.76 3.41
C ARG B 337 10.19 4.32 2.01
N PRO B 338 11.20 5.17 1.74
CA PRO B 338 11.28 5.83 0.43
C PRO B 338 11.21 4.83 -0.73
N THR B 340 11.90 5.76 -3.79
CA THR B 340 12.89 6.26 -4.74
C THR B 340 14.29 5.99 -4.19
N SER B 341 15.32 6.15 -5.03
CA SER B 341 16.70 5.90 -4.62
C SER B 341 17.26 7.07 -3.82
N LEU B 342 17.64 6.81 -2.58
CA LEU B 342 18.23 7.80 -1.71
C LEU B 342 19.68 8.06 -2.08
N SER B 343 20.37 7.03 -2.57
CA SER B 343 21.75 7.20 -3.04
C SER B 343 21.79 8.14 -4.23
N GLU B 344 20.87 7.97 -5.18
CA GLU B 344 20.76 8.90 -6.32
C GLU B 344 20.45 10.31 -5.84
N ALA B 345 19.54 10.45 -4.88
CA ALA B 345 19.22 11.76 -4.32
C ALA B 345 20.43 12.42 -3.66
N ALA B 346 21.19 11.64 -2.89
CA ALA B 346 22.37 12.11 -2.17
C ALA B 346 23.45 12.58 -3.16
N LYS B 347 23.65 11.80 -4.22
CA LYS B 347 24.56 12.19 -5.31
C LYS B 347 24.15 13.52 -5.93
N GLN B 348 22.87 13.65 -6.28
CA GLN B 348 22.34 14.86 -6.91
C GLN B 348 22.48 16.09 -6.01
N ALA B 349 22.23 15.90 -4.72
CA ALA B 349 22.30 16.96 -3.72
C ALA B 349 23.75 17.35 -3.38
N GLY B 350 24.70 16.64 -3.97
CA GLY B 350 26.12 16.88 -3.75
C GLY B 350 26.61 16.50 -2.37
N LEU B 351 25.92 15.56 -1.73
CA LEU B 351 26.30 15.04 -0.43
C LEU B 351 27.17 13.79 -0.52
N ILE B 352 26.98 13.00 -1.58
CA ILE B 352 27.88 11.88 -1.87
C ILE B 352 28.33 11.91 -3.34
#